data_6FEY
#
_entry.id   6FEY
#
_cell.length_a   150.834
_cell.length_b   150.834
_cell.length_c   125.321
_cell.angle_alpha   90.00
_cell.angle_beta   90.00
_cell.angle_gamma   90.00
#
_symmetry.space_group_name_H-M   'P 41 21 2'
#
loop_
_entity.id
_entity.type
_entity.pdbx_description
1 polymer 'Neural/ectodermal development factor IMP-L2'
2 polymer 'Probable insulin-like peptide 5'
3 polymer 'Probable insulin-like peptide 5'
4 water water
#
loop_
_entity_poly.entity_id
_entity_poly.type
_entity_poly.pdbx_seq_one_letter_code
_entity_poly.pdbx_strand_id
1 'polypeptide(L)'
;RAVDLVDDSNDVDNSIEAEEEKPRNRAFEADWLKFTKTPPTKLQQADGATIEIVCEMMGSQVPSIQWVVGHLPRSELDDL
DSNQVAEEAPSAIVRVRSSHIIDHVLSEARTYTCVGRTGSKTIYASTVVHPPRSSRLTPEKTYPGAQKPRIIYTEKTHLD
LMGSNIQLPCRVHARPRAEITWLNNENKEIVQGHRHRVLANGDLLISEIKWEDMGNYKCIARNVVGKDTADTFVYPVLNE
ED
;
A,B,D,C
2 'polypeptide(L)' DFRGVVDSCCRNSCSFSTLRAYCDS E,G,I,K
3 'polypeptide(L)' NSLRACGPALMDMLRVACPNGFNSMFAK F,H,J,L
#
# COMPACT_ATOMS: atom_id res chain seq x y z
N ASP A 31 -18.31 -35.88 -5.16
CA ASP A 31 -18.06 -34.91 -4.07
C ASP A 31 -19.36 -34.23 -3.66
N TRP A 32 -19.40 -33.66 -2.47
CA TRP A 32 -20.64 -33.09 -1.99
C TRP A 32 -20.44 -31.61 -1.59
N LEU A 33 -21.54 -30.98 -1.19
CA LEU A 33 -21.51 -29.65 -0.60
C LEU A 33 -22.85 -29.40 0.04
N LYS A 34 -22.85 -29.03 1.31
CA LYS A 34 -24.09 -28.68 2.00
C LYS A 34 -23.87 -27.45 2.87
N PHE A 35 -24.91 -26.63 2.95
CA PHE A 35 -24.98 -25.58 3.92
C PHE A 35 -24.92 -26.24 5.26
N THR A 36 -24.25 -25.62 6.19
CA THR A 36 -24.34 -26.01 7.61
C THR A 36 -24.99 -24.84 8.33
N LYS A 37 -24.68 -23.64 7.88
CA LYS A 37 -25.38 -22.41 8.28
C LYS A 37 -25.84 -21.66 7.04
N THR A 38 -27.09 -21.23 7.02
CA THR A 38 -27.65 -20.55 5.86
C THR A 38 -28.04 -19.12 6.25
N PRO A 39 -27.76 -18.15 5.37
CA PRO A 39 -28.15 -16.77 5.69
C PRO A 39 -29.67 -16.65 5.61
N PRO A 40 -30.31 -15.86 6.50
CA PRO A 40 -31.79 -15.78 6.46
C PRO A 40 -32.25 -15.22 5.13
N THR A 41 -33.43 -15.62 4.67
CA THR A 41 -33.90 -15.20 3.33
C THR A 41 -34.44 -13.77 3.26
N LYS A 42 -34.75 -13.17 4.41
CA LYS A 42 -35.11 -11.77 4.50
C LYS A 42 -34.64 -11.18 5.81
N LEU A 43 -34.22 -9.92 5.79
CA LEU A 43 -33.84 -9.19 6.98
C LEU A 43 -34.37 -7.78 6.93
N GLN A 44 -34.51 -7.18 8.11
CA GLN A 44 -34.92 -5.79 8.20
C GLN A 44 -33.83 -5.02 8.88
N GLN A 45 -33.36 -3.95 8.23
CA GLN A 45 -32.24 -3.19 8.79
C GLN A 45 -32.74 -2.33 9.94
N ALA A 46 -31.86 -2.01 10.88
CA ALA A 46 -32.20 -1.05 11.92
C ALA A 46 -31.25 0.13 11.82
N ASP A 47 -31.79 1.33 11.72
CA ASP A 47 -30.97 2.56 11.68
C ASP A 47 -29.95 2.55 12.82
N GLY A 48 -28.73 2.98 12.51
CA GLY A 48 -27.65 3.04 13.48
C GLY A 48 -26.98 1.70 13.70
N ALA A 49 -27.46 0.66 13.03
CA ALA A 49 -26.99 -0.70 13.26
C ALA A 49 -26.10 -1.24 12.16
N THR A 50 -25.34 -2.26 12.52
CA THR A 50 -24.38 -2.90 11.64
C THR A 50 -24.80 -4.34 11.57
N ILE A 51 -25.11 -4.79 10.37
CA ILE A 51 -25.67 -6.12 10.13
C ILE A 51 -24.58 -7.02 9.56
N GLU A 52 -24.37 -8.17 10.19
CA GLU A 52 -23.45 -9.18 9.66
C GLU A 52 -24.21 -10.40 9.20
N ILE A 53 -24.23 -10.62 7.89
CA ILE A 53 -24.83 -11.84 7.33
C ILE A 53 -23.80 -12.96 7.31
N VAL A 54 -24.18 -14.16 7.75
CA VAL A 54 -23.23 -15.27 7.94
C VAL A 54 -23.75 -16.47 7.17
N CYS A 55 -22.91 -17.02 6.30
CA CYS A 55 -23.23 -18.23 5.59
C CYS A 55 -22.04 -19.17 5.63
N GLU A 56 -22.24 -20.43 6.02
CA GLU A 56 -21.16 -21.42 6.11
C GLU A 56 -21.57 -22.74 5.46
N MET A 57 -20.59 -23.53 5.04
CA MET A 57 -20.85 -24.79 4.35
C MET A 57 -19.78 -25.82 4.64
N MET A 58 -20.11 -27.10 4.45
CA MET A 58 -19.16 -28.20 4.54
C MET A 58 -19.13 -28.95 3.22
N GLY A 59 -17.96 -29.34 2.75
CA GLY A 59 -17.84 -30.03 1.46
C GLY A 59 -16.43 -30.48 1.15
N SER A 60 -16.26 -31.20 0.06
CA SER A 60 -14.99 -31.88 -0.19
C SER A 60 -13.97 -30.88 -0.67
N GLN A 61 -12.69 -31.18 -0.44
CA GLN A 61 -11.58 -30.46 -1.10
C GLN A 61 -11.66 -28.92 -1.09
N VAL A 62 -11.73 -28.31 0.08
CA VAL A 62 -11.66 -26.85 0.18
C VAL A 62 -12.61 -26.00 -0.66
N PRO A 63 -13.94 -26.09 -0.42
CA PRO A 63 -14.80 -25.14 -1.11
C PRO A 63 -14.49 -23.70 -0.77
N SER A 64 -15.02 -22.80 -1.58
CA SER A 64 -14.73 -21.37 -1.44
C SER A 64 -16.01 -20.57 -1.54
N ILE A 65 -16.24 -19.71 -0.54
CA ILE A 65 -17.42 -18.87 -0.49
C ILE A 65 -17.17 -17.49 -1.05
N GLN A 66 -18.16 -16.94 -1.77
CA GLN A 66 -18.03 -15.66 -2.43
C GLN A 66 -19.36 -14.93 -2.31
N TRP A 67 -19.33 -13.60 -2.19
CA TRP A 67 -20.58 -12.84 -2.04
C TRP A 67 -20.77 -11.92 -3.21
N VAL A 68 -22.01 -11.76 -3.66
CA VAL A 68 -22.28 -10.75 -4.68
C VAL A 68 -23.66 -10.16 -4.51
N VAL A 69 -23.76 -8.86 -4.80
CA VAL A 69 -24.98 -8.10 -4.57
C VAL A 69 -25.71 -7.80 -5.86
N GLY A 70 -27.04 -7.93 -5.81
CA GLY A 70 -27.91 -7.65 -6.95
C GLY A 70 -28.59 -8.92 -7.42
N HIS A 71 -29.44 -8.79 -8.44
CA HIS A 71 -30.06 -9.96 -9.04
C HIS A 71 -29.28 -10.30 -10.30
N LEU A 72 -28.67 -11.47 -10.27
CA LEU A 72 -27.90 -11.96 -11.39
C LEU A 72 -28.40 -13.35 -11.77
N PRO A 73 -28.32 -13.73 -13.04
CA PRO A 73 -28.89 -15.03 -13.39
C PRO A 73 -27.94 -16.22 -13.09
N ARG A 74 -26.86 -16.29 -13.84
CA ARG A 74 -25.77 -17.23 -13.65
C ARG A 74 -24.62 -16.65 -14.44
N SER A 75 -23.86 -15.84 -13.70
CA SER A 75 -22.57 -15.31 -14.07
C SER A 75 -21.51 -16.04 -13.20
N GLU A 76 -20.26 -15.98 -13.67
CA GLU A 76 -19.17 -16.85 -13.21
C GLU A 76 -17.84 -16.08 -12.92
N LEU A 77 -17.10 -16.65 -11.99
CA LEU A 77 -15.88 -16.12 -11.35
C LEU A 77 -15.23 -17.39 -10.67
N ASP A 78 -14.02 -17.39 -10.13
CA ASP A 78 -13.04 -16.33 -10.09
C ASP A 78 -11.65 -16.97 -10.24
N ASP A 79 -11.55 -18.29 -10.09
CA ASP A 79 -10.29 -19.04 -10.31
C ASP A 79 -10.54 -20.52 -10.58
N LEU A 80 -10.06 -21.02 -11.71
CA LEU A 80 -10.37 -22.39 -12.15
C LEU A 80 -9.18 -23.40 -12.18
N ASP A 81 -8.19 -23.24 -11.30
CA ASP A 81 -7.01 -24.14 -11.24
C ASP A 81 -7.40 -25.39 -10.43
N ALA A 92 -9.85 -34.47 0.53
CA ALA A 92 -9.92 -33.87 1.88
C ALA A 92 -11.23 -33.09 2.12
N ILE A 93 -11.58 -32.93 3.38
CA ILE A 93 -12.85 -32.30 3.74
C ILE A 93 -12.60 -30.96 4.40
N VAL A 94 -13.59 -30.08 4.36
CA VAL A 94 -13.45 -28.73 4.96
C VAL A 94 -14.77 -28.07 5.23
N ARG A 95 -14.91 -27.45 6.41
CA ARG A 95 -16.08 -26.64 6.75
C ARG A 95 -15.65 -25.18 6.87
N VAL A 96 -16.17 -24.34 5.99
CA VAL A 96 -15.67 -22.98 5.87
C VAL A 96 -16.81 -22.00 6.12
N ARG A 97 -16.58 -20.94 6.90
CA ARG A 97 -17.60 -19.91 7.14
C ARG A 97 -17.14 -18.55 6.65
N SER A 98 -18.09 -17.77 6.14
CA SER A 98 -17.82 -16.43 5.62
C SER A 98 -19.01 -15.52 5.86
N SER A 99 -18.78 -14.25 6.09
CA SER A 99 -19.84 -13.30 6.45
C SER A 99 -19.72 -11.98 5.70
N HIS A 100 -20.84 -11.28 5.53
CA HIS A 100 -20.87 -9.99 4.89
C HIS A 100 -21.31 -8.91 5.86
N ILE A 101 -20.58 -7.82 5.93
CA ILE A 101 -20.85 -6.78 6.90
C ILE A 101 -21.47 -5.56 6.25
N ILE A 102 -22.74 -5.32 6.54
CA ILE A 102 -23.42 -4.10 6.11
C ILE A 102 -23.25 -3.03 7.16
N ASP A 103 -22.29 -2.13 6.99
CA ASP A 103 -22.02 -1.13 8.04
C ASP A 103 -22.40 0.28 7.65
N HIS A 104 -23.47 0.40 6.88
CA HIS A 104 -23.98 1.69 6.46
C HIS A 104 -25.41 1.52 5.98
N VAL A 105 -26.28 2.39 6.41
CA VAL A 105 -27.72 2.33 6.15
C VAL A 105 -28.12 2.33 4.67
N LEU A 106 -29.02 1.44 4.33
CA LEU A 106 -29.46 1.25 2.96
C LEU A 106 -30.43 2.34 2.46
N SER A 107 -30.29 2.73 1.19
CA SER A 107 -31.27 3.62 0.55
C SER A 107 -32.35 2.86 -0.22
N GLU A 108 -32.10 1.60 -0.56
CA GLU A 108 -33.14 0.74 -1.12
C GLU A 108 -32.87 -0.69 -0.66
N ALA A 109 -33.86 -1.57 -0.79
CA ALA A 109 -33.61 -2.97 -0.48
C ALA A 109 -32.58 -3.55 -1.45
N ARG A 110 -31.85 -4.54 -0.96
CA ARG A 110 -30.83 -5.20 -1.77
C ARG A 110 -30.70 -6.66 -1.41
N THR A 111 -30.19 -7.43 -2.36
CA THR A 111 -30.00 -8.86 -2.18
C THR A 111 -28.52 -9.18 -2.17
N TYR A 112 -28.11 -10.02 -1.24
CA TYR A 112 -26.74 -10.44 -1.14
C TYR A 112 -26.73 -11.96 -1.24
N THR A 113 -26.12 -12.45 -2.30
CA THR A 113 -26.03 -13.89 -2.55
C THR A 113 -24.68 -14.47 -2.15
N CYS A 114 -24.71 -15.52 -1.33
CA CYS A 114 -23.50 -16.19 -0.90
C CYS A 114 -23.32 -17.47 -1.69
N VAL A 115 -22.20 -17.54 -2.41
CA VAL A 115 -22.02 -18.60 -3.41
C VAL A 115 -20.93 -19.55 -2.96
N GLY A 116 -21.26 -20.84 -2.86
CA GLY A 116 -20.28 -21.86 -2.54
C GLY A 116 -19.91 -22.68 -3.75
N ARG A 117 -18.63 -23.03 -3.79
CA ARG A 117 -18.06 -23.69 -4.94
C ARG A 117 -16.99 -24.68 -4.54
N THR A 118 -17.23 -25.96 -4.83
CA THR A 118 -16.15 -26.94 -4.92
C THR A 118 -16.35 -27.80 -6.17
N GLY A 119 -15.30 -27.85 -6.99
CA GLY A 119 -15.29 -28.68 -8.20
C GLY A 119 -16.54 -28.51 -9.03
N SER A 120 -17.19 -29.62 -9.35
CA SER A 120 -18.41 -29.62 -10.17
C SER A 120 -19.61 -28.93 -9.48
N LYS A 121 -19.69 -29.10 -8.15
CA LYS A 121 -20.83 -28.61 -7.38
C LYS A 121 -20.77 -27.11 -7.07
N THR A 122 -21.93 -26.49 -6.87
CA THR A 122 -22.06 -25.03 -6.69
C THR A 122 -23.42 -24.76 -6.08
N ILE A 123 -23.44 -24.08 -4.95
CA ILE A 123 -24.68 -23.87 -4.21
C ILE A 123 -24.80 -22.46 -3.71
N TYR A 124 -26.03 -21.98 -3.61
CA TYR A 124 -26.26 -20.58 -3.30
C TYR A 124 -27.48 -20.29 -2.46
N ALA A 125 -27.38 -19.26 -1.62
CA ALA A 125 -28.55 -18.72 -0.91
C ALA A 125 -28.49 -17.22 -0.93
N SER A 126 -29.65 -16.59 -0.86
CA SER A 126 -29.75 -15.14 -0.87
C SER A 126 -30.47 -14.57 0.36
N THR A 127 -30.02 -13.39 0.77
CA THR A 127 -30.72 -12.61 1.78
C THR A 127 -31.11 -11.27 1.17
N VAL A 128 -32.35 -10.85 1.43
CA VAL A 128 -32.85 -9.55 1.00
C VAL A 128 -32.97 -8.70 2.24
N VAL A 129 -32.21 -7.59 2.27
CA VAL A 129 -32.24 -6.71 3.42
C VAL A 129 -33.07 -5.50 3.08
N HIS A 130 -34.22 -5.36 3.76
CA HIS A 130 -35.06 -4.16 3.64
C HIS A 130 -34.43 -3.00 4.42
N PRO A 131 -34.46 -1.78 3.83
CA PRO A 131 -33.91 -0.66 4.58
C PRO A 131 -34.89 -0.33 5.70
N PRO A 132 -34.44 0.38 6.74
CA PRO A 132 -35.37 0.63 7.83
C PRO A 132 -36.51 1.54 7.36
N ARG A 133 -37.65 1.48 8.03
CA ARG A 133 -38.77 2.37 7.69
C ARG A 133 -38.43 3.84 8.01
N SER A 134 -37.65 4.02 9.08
CA SER A 134 -37.09 5.34 9.44
C SER A 134 -35.81 5.63 8.64
N THR A 138 -27.25 9.27 7.54
CA THR A 138 -27.18 9.39 6.07
C THR A 138 -27.17 8.00 5.42
N PRO A 139 -28.15 7.69 4.53
CA PRO A 139 -28.08 6.40 3.88
C PRO A 139 -26.89 6.33 2.95
N GLU A 140 -26.41 5.11 2.71
CA GLU A 140 -25.29 4.85 1.78
C GLU A 140 -24.01 5.55 2.20
N LYS A 141 -23.83 5.69 3.51
CA LYS A 141 -22.63 6.29 4.05
C LYS A 141 -22.12 5.39 5.17
N THR A 142 -20.99 4.73 4.92
CA THR A 142 -20.39 3.79 5.88
C THR A 142 -20.30 4.53 7.18
N TYR A 143 -20.70 3.85 8.25
CA TYR A 143 -20.56 4.42 9.59
C TYR A 143 -19.11 4.89 9.77
N PRO A 144 -18.89 5.92 10.62
CA PRO A 144 -17.60 6.57 10.57
C PRO A 144 -16.73 6.36 11.80
N GLY A 145 -15.41 6.41 11.62
CA GLY A 145 -14.46 6.22 12.71
C GLY A 145 -14.18 4.76 12.97
N ALA A 146 -13.29 4.49 13.94
CA ALA A 146 -12.76 3.16 14.24
C ALA A 146 -13.84 2.09 14.35
N GLN A 147 -13.59 0.92 13.79
CA GLN A 147 -14.49 -0.23 13.92
C GLN A 147 -13.74 -1.47 14.39
N LYS A 148 -14.42 -2.29 15.18
CA LYS A 148 -13.86 -3.48 15.79
C LYS A 148 -13.54 -4.46 14.70
N PRO A 149 -12.46 -5.28 14.87
CA PRO A 149 -12.30 -6.34 13.88
C PRO A 149 -13.44 -7.34 13.95
N ARG A 150 -13.87 -7.81 12.79
CA ARG A 150 -14.74 -8.98 12.69
C ARG A 150 -14.04 -9.85 11.69
N ILE A 151 -13.84 -11.11 12.02
CA ILE A 151 -13.14 -12.06 11.14
C ILE A 151 -14.24 -12.51 10.20
N ILE A 152 -14.02 -12.27 8.89
CA ILE A 152 -15.10 -12.48 7.94
C ILE A 152 -14.93 -13.73 7.07
N TYR A 153 -13.81 -14.42 7.23
CA TYR A 153 -13.60 -15.65 6.50
C TYR A 153 -12.73 -16.59 7.31
N THR A 154 -13.31 -17.68 7.81
CA THR A 154 -12.48 -18.68 8.46
C THR A 154 -12.97 -20.08 8.17
N GLU A 155 -12.13 -21.08 8.44
CA GLU A 155 -12.52 -22.50 8.34
C GLU A 155 -12.76 -23.09 9.75
N LYS A 156 -13.99 -23.54 10.02
CA LYS A 156 -14.30 -24.15 11.32
C LYS A 156 -13.70 -25.54 11.56
N THR A 157 -13.58 -26.36 10.52
CA THR A 157 -13.04 -27.72 10.67
C THR A 157 -12.34 -28.12 9.38
N HIS A 158 -11.15 -28.69 9.47
CA HIS A 158 -10.36 -29.08 8.31
C HIS A 158 -9.81 -30.50 8.43
N LEU A 159 -10.17 -31.36 7.49
CA LEU A 159 -9.69 -32.72 7.45
C LEU A 159 -8.83 -33.00 6.24
N ASP A 160 -7.62 -33.55 6.48
CA ASP A 160 -6.77 -33.93 5.36
C ASP A 160 -5.84 -35.11 5.62
N LEU A 161 -5.18 -35.58 4.57
CA LEU A 161 -4.16 -36.63 4.69
C LEU A 161 -2.81 -36.03 5.03
N MET A 162 -2.17 -36.65 6.00
CA MET A 162 -0.78 -36.37 6.35
C MET A 162 0.08 -36.17 5.11
N GLY A 163 1.18 -35.44 5.30
CA GLY A 163 2.10 -35.14 4.22
C GLY A 163 1.53 -34.16 3.21
N SER A 164 0.34 -33.63 3.48
CA SER A 164 -0.28 -32.71 2.55
C SER A 164 -0.27 -31.33 3.19
N ASN A 165 0.06 -30.29 2.43
CA ASN A 165 0.16 -28.92 2.97
C ASN A 165 -1.21 -28.25 2.96
N ILE A 166 -1.59 -27.69 4.10
CA ILE A 166 -2.88 -27.02 4.24
C ILE A 166 -2.68 -25.55 4.58
N GLN A 167 -3.62 -24.71 4.16
CA GLN A 167 -3.51 -23.28 4.38
C GLN A 167 -4.80 -22.72 4.92
N LEU A 168 -4.90 -22.53 6.23
CA LEU A 168 -6.10 -22.02 6.88
C LEU A 168 -6.18 -20.50 6.72
N PRO A 169 -7.39 -19.94 6.48
CA PRO A 169 -7.41 -18.53 6.21
C PRO A 169 -8.04 -17.72 7.33
N CYS A 170 -7.53 -16.51 7.49
CA CYS A 170 -8.14 -15.52 8.35
C CYS A 170 -8.26 -14.25 7.55
N ARG A 171 -9.46 -13.84 7.19
CA ARG A 171 -9.64 -12.58 6.52
C ARG A 171 -10.45 -11.67 7.43
N VAL A 172 -9.78 -10.73 8.04
CA VAL A 172 -10.48 -9.78 8.89
C VAL A 172 -11.15 -8.68 8.08
N HIS A 173 -12.17 -8.10 8.68
CA HIS A 173 -12.73 -6.86 8.19
C HIS A 173 -12.84 -5.91 9.37
N ALA A 174 -12.05 -4.85 9.36
CA ALA A 174 -11.94 -3.96 10.50
C ALA A 174 -11.20 -2.68 10.11
N ARG A 175 -11.63 -1.58 10.72
CA ARG A 175 -11.07 -0.26 10.48
C ARG A 175 -10.72 0.35 11.83
N PRO A 176 -9.43 0.71 12.07
CA PRO A 176 -8.35 0.55 11.09
C PRO A 176 -8.03 -0.90 10.79
N ARG A 177 -7.05 -1.12 9.91
CA ARG A 177 -6.62 -2.46 9.49
C ARG A 177 -5.95 -3.25 10.61
N ALA A 178 -6.45 -4.45 10.87
CA ALA A 178 -6.08 -5.22 12.05
C ALA A 178 -4.80 -6.02 11.82
N GLU A 179 -4.28 -6.58 12.92
CA GLU A 179 -3.11 -7.41 12.95
C GLU A 179 -3.44 -8.85 13.31
N ILE A 180 -2.88 -9.76 12.52
CA ILE A 180 -3.11 -11.18 12.68
C ILE A 180 -1.96 -11.86 13.40
N THR A 181 -2.29 -12.50 14.51
CA THR A 181 -1.36 -13.34 15.25
C THR A 181 -1.99 -14.69 15.30
N TRP A 182 -1.19 -15.74 15.10
CA TRP A 182 -1.72 -17.11 15.07
C TRP A 182 -1.25 -17.92 16.27
N LEU A 183 -2.21 -18.36 17.09
CA LEU A 183 -1.96 -19.31 18.15
C LEU A 183 -1.93 -20.71 17.58
N ASN A 184 -1.51 -21.67 18.39
CA ASN A 184 -1.47 -23.04 17.92
C ASN A 184 -2.26 -24.05 18.77
N ASN A 185 -2.03 -25.35 18.54
CA ASN A 185 -2.75 -26.40 19.26
C ASN A 185 -2.51 -26.39 20.76
N GLU A 186 -1.31 -25.98 21.18
CA GLU A 186 -1.01 -25.82 22.59
C GLU A 186 -0.89 -24.34 22.97
N ASN A 187 -1.45 -23.45 22.14
CA ASN A 187 -1.67 -22.03 22.49
C ASN A 187 -0.39 -21.21 22.64
N LYS A 188 0.60 -21.58 21.85
CA LYS A 188 1.84 -20.78 21.80
C LYS A 188 1.87 -20.03 20.47
N GLU A 189 2.29 -18.78 20.48
CA GLU A 189 2.48 -17.99 19.26
C GLU A 189 3.30 -18.74 18.20
N ILE A 190 2.89 -18.67 16.94
CA ILE A 190 3.57 -19.37 15.88
C ILE A 190 4.96 -18.77 15.65
N VAL A 191 5.96 -19.63 15.43
CA VAL A 191 7.25 -19.20 14.90
C VAL A 191 7.42 -19.68 13.46
N GLN A 192 7.98 -18.81 12.64
CA GLN A 192 8.16 -19.08 11.23
C GLN A 192 9.30 -20.05 11.19
N GLY A 193 9.00 -21.34 11.32
CA GLY A 193 10.08 -22.34 11.41
C GLY A 193 10.39 -22.95 10.05
N HIS A 194 9.56 -22.62 9.06
CA HIS A 194 9.47 -23.36 7.79
C HIS A 194 8.68 -24.67 7.93
N ARG A 195 8.47 -25.11 9.15
CA ARG A 195 7.38 -25.98 9.56
C ARG A 195 6.04 -25.26 9.27
N HIS A 196 5.91 -24.03 9.76
CA HIS A 196 4.77 -23.17 9.54
C HIS A 196 5.23 -21.81 9.03
N ARG A 197 4.32 -21.14 8.32
CA ARG A 197 4.57 -19.79 7.82
C ARG A 197 3.27 -19.03 7.82
N VAL A 198 3.26 -17.84 8.41
CA VAL A 198 2.10 -16.96 8.28
C VAL A 198 2.28 -16.10 7.06
N LEU A 199 1.32 -16.17 6.14
CA LEU A 199 1.44 -15.60 4.80
C LEU A 199 1.13 -14.12 4.78
N ALA A 200 1.19 -13.53 3.60
CA ALA A 200 0.95 -12.11 3.39
C ALA A 200 -0.49 -11.70 3.76
N ASN A 201 -1.43 -12.62 3.58
CA ASN A 201 -2.83 -12.35 3.71
C ASN A 201 -3.38 -12.77 5.04
N GLY A 202 -2.54 -13.28 5.94
CA GLY A 202 -2.99 -13.73 7.25
C GLY A 202 -3.28 -15.22 7.34
N ASP A 203 -3.34 -15.86 6.17
CA ASP A 203 -3.48 -17.29 6.04
C ASP A 203 -2.27 -17.97 6.66
N LEU A 204 -2.51 -19.03 7.43
CA LEU A 204 -1.41 -19.79 8.03
C LEU A 204 -1.17 -21.06 7.24
N LEU A 205 0.07 -21.29 6.86
CA LEU A 205 0.44 -22.43 6.08
C LEU A 205 1.19 -23.48 6.90
N ILE A 206 0.52 -24.63 7.11
CA ILE A 206 1.11 -25.73 7.83
C ILE A 206 1.55 -26.77 6.80
N SER A 207 2.84 -26.78 6.50
CA SER A 207 3.43 -27.74 5.56
C SER A 207 3.43 -29.17 6.08
N GLU A 208 3.21 -30.11 5.16
CA GLU A 208 3.44 -31.53 5.40
C GLU A 208 2.94 -31.91 6.77
N ILE A 209 1.64 -31.72 6.98
CA ILE A 209 1.03 -31.99 8.29
C ILE A 209 1.31 -33.38 8.83
N LYS A 210 1.41 -33.45 10.14
CA LYS A 210 1.62 -34.71 10.85
C LYS A 210 0.74 -34.72 12.09
N TRP A 211 0.76 -35.84 12.80
CA TRP A 211 -0.08 -35.99 13.96
C TRP A 211 0.10 -34.92 15.00
N GLU A 212 1.35 -34.65 15.38
CA GLU A 212 1.66 -33.64 16.39
C GLU A 212 0.87 -32.35 16.13
N ASP A 213 0.63 -32.10 14.86
CA ASP A 213 0.00 -30.87 14.42
C ASP A 213 -1.50 -30.82 14.66
N MET A 214 -2.13 -31.96 14.88
CA MET A 214 -3.56 -32.00 15.04
C MET A 214 -3.97 -31.15 16.22
N GLY A 215 -5.04 -30.38 16.05
CA GLY A 215 -5.62 -29.60 17.11
C GLY A 215 -6.30 -28.31 16.67
N ASN A 216 -6.54 -27.45 17.65
CA ASN A 216 -7.37 -26.31 17.46
C ASN A 216 -6.49 -25.12 17.26
N TYR A 217 -6.37 -24.64 16.04
CA TYR A 217 -5.59 -23.42 15.78
C TYR A 217 -6.46 -22.17 15.80
N LYS A 218 -5.93 -21.09 16.36
CA LYS A 218 -6.68 -19.84 16.56
C LYS A 218 -6.06 -18.64 15.85
N CYS A 219 -6.92 -17.80 15.28
CA CYS A 219 -6.54 -16.56 14.68
C CYS A 219 -6.95 -15.38 15.57
N ILE A 220 -6.01 -14.49 15.82
CA ILE A 220 -6.32 -13.32 16.66
C ILE A 220 -6.04 -12.08 15.86
N ALA A 221 -7.10 -11.34 15.55
CA ALA A 221 -7.01 -10.08 14.84
C ALA A 221 -7.27 -8.92 15.76
N ARG A 222 -6.29 -8.03 15.90
CA ARG A 222 -6.38 -6.92 16.84
C ARG A 222 -6.07 -5.56 16.23
N ASN A 223 -6.90 -4.58 16.54
CA ASN A 223 -6.56 -3.19 16.31
C ASN A 223 -6.88 -2.42 17.58
N VAL A 224 -6.81 -1.09 17.47
CA VAL A 224 -6.96 -0.18 18.61
C VAL A 224 -8.27 -0.33 19.37
N VAL A 225 -9.37 -0.65 18.69
CA VAL A 225 -10.71 -0.61 19.29
C VAL A 225 -11.27 -2.02 19.63
N GLY A 226 -10.43 -3.04 19.68
CA GLY A 226 -10.88 -4.37 20.02
C GLY A 226 -10.22 -5.54 19.28
N LYS A 227 -10.74 -6.74 19.53
CA LYS A 227 -10.21 -7.97 18.94
C LYS A 227 -11.33 -8.91 18.49
N ASP A 228 -10.99 -9.82 17.57
CA ASP A 228 -11.85 -10.93 17.20
C ASP A 228 -11.03 -12.18 17.13
N THR A 229 -11.64 -13.35 17.38
CA THR A 229 -10.86 -14.60 17.41
C THR A 229 -11.63 -15.77 16.87
N ALA A 230 -10.93 -16.65 16.17
CA ALA A 230 -11.55 -17.80 15.50
C ALA A 230 -10.62 -18.98 15.52
N ASP A 231 -11.19 -20.15 15.76
CA ASP A 231 -10.42 -21.39 15.83
C ASP A 231 -10.75 -22.30 14.68
N THR A 232 -9.71 -22.72 13.97
CA THR A 232 -9.86 -23.73 12.92
C THR A 232 -9.30 -25.02 13.50
N PHE A 233 -10.19 -26.00 13.65
CA PHE A 233 -9.80 -27.36 13.98
C PHE A 233 -8.85 -27.79 12.89
N VAL A 234 -8.11 -28.85 13.08
CA VAL A 234 -7.35 -29.52 12.04
C VAL A 234 -7.34 -30.99 12.40
N TYR A 235 -7.60 -31.87 11.44
CA TYR A 235 -7.46 -33.30 11.69
C TYR A 235 -6.79 -33.95 10.52
N PRO A 236 -5.56 -34.47 10.70
CA PRO A 236 -4.93 -35.08 9.53
C PRO A 236 -5.25 -36.57 9.44
N VAL A 237 -6.00 -36.97 8.42
CA VAL A 237 -6.26 -38.39 8.19
C VAL A 237 -5.03 -38.97 7.50
N LEU A 238 -4.97 -40.30 7.39
CA LEU A 238 -3.81 -40.96 6.82
C LEU A 238 -4.15 -41.96 5.70
N ASN A 239 -3.29 -42.00 4.68
CA ASN A 239 -3.48 -42.81 3.47
C ASN A 239 -3.69 -44.31 3.73
N ARG B 26 4.91 4.94 6.59
CA ARG B 26 3.81 5.95 6.63
C ARG B 26 2.55 5.32 7.28
N ALA B 27 1.54 6.14 7.63
CA ALA B 27 1.48 7.59 7.38
C ALA B 27 0.11 7.95 6.80
N PHE B 28 0.01 9.14 6.24
CA PHE B 28 -1.25 9.66 5.72
C PHE B 28 -1.34 9.48 4.21
N GLU B 29 -0.35 8.79 3.65
CA GLU B 29 -0.14 8.79 2.23
C GLU B 29 1.19 9.49 1.89
N ALA B 30 1.65 9.38 0.65
CA ALA B 30 0.97 8.67 -0.43
C ALA B 30 0.89 7.15 -0.22
N ASP B 31 -0.27 6.63 -0.54
CA ASP B 31 -0.45 5.28 -1.02
C ASP B 31 -1.16 5.58 -2.34
N TRP B 32 -0.61 5.09 -3.43
CA TRP B 32 -1.12 5.51 -4.73
C TRP B 32 -1.71 4.35 -5.53
N LEU B 33 -2.40 4.69 -6.62
CA LEU B 33 -3.06 3.74 -7.48
C LEU B 33 -3.42 4.42 -8.77
N LYS B 34 -3.02 3.84 -9.89
CA LYS B 34 -3.20 4.46 -11.20
C LYS B 34 -3.55 3.39 -12.22
N PHE B 35 -4.34 3.77 -13.23
CA PHE B 35 -4.77 2.82 -14.24
C PHE B 35 -3.79 2.73 -15.41
N THR B 36 -3.20 1.56 -15.56
CA THR B 36 -2.36 1.26 -16.71
C THR B 36 -3.14 0.90 -17.96
N LYS B 37 -4.12 0.01 -17.82
CA LYS B 37 -5.04 -0.35 -18.92
C LYS B 37 -6.47 -0.13 -18.43
N THR B 38 -7.22 0.69 -19.15
CA THR B 38 -8.54 1.09 -18.67
C THR B 38 -9.58 0.36 -19.50
N PRO B 39 -10.50 -0.34 -18.82
CA PRO B 39 -11.57 -1.03 -19.55
C PRO B 39 -12.35 -0.04 -20.42
N PRO B 40 -12.81 -0.46 -21.62
CA PRO B 40 -13.49 0.46 -22.50
C PRO B 40 -14.89 0.78 -21.98
N THR B 41 -15.41 1.97 -22.29
CA THR B 41 -16.68 2.41 -21.72
C THR B 41 -17.87 1.66 -22.25
N LYS B 42 -17.81 1.25 -23.52
CA LYS B 42 -18.88 0.47 -24.12
C LYS B 42 -18.31 -0.60 -25.04
N LEU B 43 -18.98 -1.74 -25.01
CA LEU B 43 -18.69 -2.86 -25.87
C LEU B 43 -20.00 -3.34 -26.45
N GLN B 44 -19.90 -3.94 -27.63
CA GLN B 44 -21.03 -4.61 -28.22
C GLN B 44 -20.72 -6.09 -28.29
N GLN B 45 -21.60 -6.91 -27.73
CA GLN B 45 -21.41 -8.34 -27.78
C GLN B 45 -21.81 -8.87 -29.17
N ALA B 46 -20.80 -9.08 -30.00
CA ALA B 46 -20.98 -9.78 -31.26
C ALA B 46 -21.61 -11.13 -30.92
N ASP B 47 -22.65 -11.55 -31.64
CA ASP B 47 -23.41 -12.73 -31.22
C ASP B 47 -22.53 -13.93 -30.98
N GLY B 48 -22.95 -14.74 -30.01
CA GLY B 48 -22.22 -15.96 -29.63
C GLY B 48 -20.75 -15.65 -29.40
N ALA B 49 -20.46 -14.41 -29.03
CA ALA B 49 -19.10 -13.99 -28.73
C ALA B 49 -18.72 -14.37 -27.32
N THR B 50 -17.41 -14.44 -27.05
CA THR B 50 -16.91 -14.48 -25.70
C THR B 50 -16.13 -13.19 -25.53
N ILE B 51 -16.62 -12.33 -24.61
CA ILE B 51 -15.99 -11.05 -24.37
C ILE B 51 -15.19 -11.12 -23.07
N GLU B 52 -13.90 -10.77 -23.17
CA GLU B 52 -13.04 -10.64 -22.01
C GLU B 52 -12.65 -9.19 -21.81
N ILE B 53 -13.14 -8.62 -20.71
CA ILE B 53 -12.82 -7.25 -20.34
C ILE B 53 -11.57 -7.25 -19.46
N VAL B 54 -10.65 -6.33 -19.73
CA VAL B 54 -9.38 -6.26 -19.01
C VAL B 54 -9.25 -4.89 -18.38
N CYS B 55 -8.97 -4.86 -17.08
CA CYS B 55 -8.42 -3.67 -16.44
C CYS B 55 -7.08 -4.01 -15.74
N GLU B 56 -6.09 -3.16 -15.92
CA GLU B 56 -4.79 -3.32 -15.28
C GLU B 56 -4.38 -2.04 -14.55
N MET B 57 -3.84 -2.16 -13.34
CA MET B 57 -3.48 -0.98 -12.56
C MET B 57 -2.19 -1.15 -11.78
N MET B 58 -1.51 -0.05 -11.51
CA MET B 58 -0.25 -0.05 -10.79
C MET B 58 -0.38 0.79 -9.52
N GLY B 59 0.12 0.30 -8.40
CA GLY B 59 0.26 1.13 -7.22
C GLY B 59 1.06 0.54 -6.10
N SER B 60 1.12 1.26 -4.99
CA SER B 60 1.92 0.84 -3.84
C SER B 60 1.29 -0.34 -3.18
N GLN B 61 2.11 -1.16 -2.52
CA GLN B 61 1.65 -2.40 -1.87
C GLN B 61 1.22 -3.40 -2.94
N VAL B 62 0.64 -4.51 -2.53
CA VAL B 62 0.04 -5.43 -3.51
C VAL B 62 -1.43 -5.05 -3.68
N PRO B 63 -1.77 -4.24 -4.71
CA PRO B 63 -3.18 -3.96 -4.87
C PRO B 63 -3.99 -5.21 -5.18
N SER B 64 -5.30 -5.09 -5.07
CA SER B 64 -6.22 -6.14 -5.42
C SER B 64 -7.27 -5.61 -6.39
N ILE B 65 -7.46 -6.31 -7.50
CA ILE B 65 -8.58 -6.05 -8.40
C ILE B 65 -9.74 -6.98 -8.07
N GLN B 66 -10.95 -6.44 -8.14
CA GLN B 66 -12.15 -7.18 -7.87
C GLN B 66 -13.19 -6.77 -8.91
N TRP B 67 -14.01 -7.72 -9.34
CA TRP B 67 -15.03 -7.42 -10.33
C TRP B 67 -16.38 -7.57 -9.73
N VAL B 68 -17.23 -6.62 -10.04
CA VAL B 68 -18.65 -6.75 -9.69
C VAL B 68 -19.49 -6.13 -10.77
N VAL B 69 -20.61 -6.80 -10.98
CA VAL B 69 -21.58 -6.41 -11.98
C VAL B 69 -22.68 -5.60 -11.31
N GLY B 70 -23.07 -4.53 -12.01
CA GLY B 70 -24.15 -3.66 -11.56
C GLY B 70 -23.63 -2.29 -11.17
N HIS B 71 -24.55 -1.48 -10.67
CA HIS B 71 -24.21 -0.16 -10.17
C HIS B 71 -24.33 -0.27 -8.69
N LEU B 72 -23.24 0.07 -7.99
CA LEU B 72 -23.21 -0.02 -6.56
C LEU B 72 -22.63 1.24 -5.92
N PRO B 73 -23.10 1.60 -4.72
CA PRO B 73 -22.59 2.80 -4.10
C PRO B 73 -21.26 2.65 -3.35
N ARG B 74 -21.24 1.79 -2.32
CA ARG B 74 -20.19 1.80 -1.30
C ARG B 74 -19.13 0.71 -1.32
N SER B 75 -19.51 -0.58 -1.46
CA SER B 75 -18.57 -1.70 -1.72
C SER B 75 -17.90 -2.37 -0.50
N GLU B 76 -17.52 -3.65 -0.66
CA GLU B 76 -16.88 -4.43 0.44
C GLU B 76 -15.83 -5.53 0.09
N LEU B 77 -14.55 -5.15 0.18
CA LEU B 77 -13.40 -6.07 0.16
C LEU B 77 -12.53 -5.90 1.43
N ASP B 78 -11.64 -6.86 1.65
CA ASP B 78 -10.87 -7.06 2.90
C ASP B 78 -9.40 -6.63 2.82
N ASP B 79 -8.83 -5.88 3.77
CA ASP B 79 -9.30 -5.43 5.13
C ASP B 79 -8.44 -6.00 6.28
N LEU B 80 -7.40 -6.73 5.90
CA LEU B 80 -6.50 -7.38 6.88
C LEU B 80 -5.07 -6.86 6.98
N ASP B 81 -4.90 -5.54 6.83
CA ASP B 81 -3.57 -4.88 6.76
C ASP B 81 -2.73 -5.03 8.03
N SER B 91 5.40 -0.32 1.45
CA SER B 91 6.34 -1.46 1.40
C SER B 91 6.93 -1.73 -0.01
N ALA B 92 6.07 -1.80 -1.02
CA ALA B 92 6.36 -2.39 -2.34
C ALA B 92 5.44 -1.88 -3.43
N ILE B 93 5.91 -1.98 -4.68
CA ILE B 93 5.19 -1.42 -5.82
C ILE B 93 4.88 -2.52 -6.80
N VAL B 94 3.63 -2.60 -7.26
CA VAL B 94 3.11 -3.72 -8.05
C VAL B 94 2.17 -3.29 -9.18
N ARG B 95 2.31 -3.94 -10.34
CA ARG B 95 1.42 -3.75 -11.47
C ARG B 95 0.63 -5.02 -11.71
N VAL B 96 -0.68 -4.95 -11.57
CA VAL B 96 -1.53 -6.12 -11.52
C VAL B 96 -2.50 -6.09 -12.72
N ARG B 97 -2.80 -7.23 -13.31
CA ARG B 97 -3.82 -7.28 -14.37
C ARG B 97 -4.95 -8.21 -13.95
N SER B 98 -6.18 -7.92 -14.36
CA SER B 98 -7.29 -8.82 -14.11
C SER B 98 -8.35 -8.63 -15.15
N SER B 99 -8.91 -9.74 -15.61
CA SER B 99 -9.88 -9.70 -16.70
C SER B 99 -11.10 -10.53 -16.39
N HIS B 100 -12.23 -10.08 -16.91
CA HIS B 100 -13.52 -10.69 -16.65
C HIS B 100 -14.01 -11.29 -17.94
N ILE B 101 -14.38 -12.56 -17.87
CA ILE B 101 -14.78 -13.32 -19.04
C ILE B 101 -16.28 -13.52 -19.07
N ILE B 102 -16.92 -12.90 -20.05
CA ILE B 102 -18.33 -13.17 -20.29
C ILE B 102 -18.42 -14.22 -21.39
N ASP B 103 -18.77 -15.45 -21.02
CA ASP B 103 -19.05 -16.48 -22.03
C ASP B 103 -20.48 -16.93 -21.92
N HIS B 104 -21.36 -16.01 -22.29
CA HIS B 104 -22.74 -16.32 -22.62
C HIS B 104 -23.41 -15.09 -23.20
N VAL B 105 -24.46 -15.31 -23.96
CA VAL B 105 -25.16 -14.23 -24.67
C VAL B 105 -26.07 -13.49 -23.74
N LEU B 106 -25.97 -12.15 -23.76
CA LEU B 106 -26.69 -11.33 -22.80
C LEU B 106 -28.18 -11.13 -23.16
N SER B 107 -29.05 -11.18 -22.16
CA SER B 107 -30.47 -10.90 -22.35
C SER B 107 -30.73 -9.40 -22.39
N GLU B 108 -29.93 -8.64 -21.64
CA GLU B 108 -30.09 -7.19 -21.53
C GLU B 108 -28.72 -6.58 -21.36
N ALA B 109 -28.63 -5.24 -21.43
CA ALA B 109 -27.34 -4.59 -21.18
C ALA B 109 -26.87 -4.86 -19.77
N ARG B 110 -25.56 -4.88 -19.61
CA ARG B 110 -24.96 -5.07 -18.31
C ARG B 110 -23.70 -4.27 -18.19
N THR B 111 -23.47 -3.84 -16.97
CA THR B 111 -22.37 -2.98 -16.60
C THR B 111 -21.44 -3.83 -15.73
N TYR B 112 -20.17 -3.85 -16.12
CA TYR B 112 -19.18 -4.62 -15.44
C TYR B 112 -18.14 -3.67 -14.90
N THR B 113 -17.99 -3.66 -13.59
CA THR B 113 -17.16 -2.69 -12.89
C THR B 113 -15.96 -3.34 -12.20
N CYS B 114 -14.79 -2.76 -12.45
CA CYS B 114 -13.55 -3.29 -11.89
C CYS B 114 -13.09 -2.39 -10.77
N VAL B 115 -12.89 -2.98 -9.60
CA VAL B 115 -12.56 -2.20 -8.39
C VAL B 115 -11.11 -2.43 -7.98
N GLY B 116 -10.35 -1.36 -7.83
CA GLY B 116 -8.96 -1.52 -7.37
C GLY B 116 -8.74 -0.85 -6.04
N ARG B 117 -8.16 -1.58 -5.09
CA ARG B 117 -7.96 -1.07 -3.76
C ARG B 117 -6.65 -1.49 -3.10
N THR B 118 -5.72 -0.56 -3.02
CA THR B 118 -4.53 -0.74 -2.22
C THR B 118 -4.60 0.16 -1.01
N GLY B 119 -4.39 -0.40 0.16
CA GLY B 119 -4.54 0.34 1.41
C GLY B 119 -5.85 1.11 1.46
N SER B 120 -5.75 2.39 1.77
CA SER B 120 -6.90 3.27 1.89
C SER B 120 -7.37 3.90 0.56
N LYS B 121 -6.74 3.57 -0.55
CA LYS B 121 -7.18 4.02 -1.87
C LYS B 121 -8.27 3.10 -2.45
N THR B 122 -9.02 3.60 -3.44
CA THR B 122 -9.98 2.84 -4.22
C THR B 122 -10.23 3.61 -5.51
N ILE B 123 -10.10 2.92 -6.63
CA ILE B 123 -10.52 3.45 -7.93
C ILE B 123 -11.37 2.41 -8.66
N TYR B 124 -12.19 2.87 -9.59
CA TYR B 124 -12.97 1.94 -10.38
C TYR B 124 -13.30 2.48 -11.78
N ALA B 125 -13.39 1.53 -12.71
CA ALA B 125 -13.75 1.81 -14.09
C ALA B 125 -14.84 0.85 -14.54
N SER B 126 -15.66 1.34 -15.46
CA SER B 126 -16.88 0.61 -15.83
C SER B 126 -17.06 0.37 -17.31
N THR B 127 -17.57 -0.81 -17.63
CA THR B 127 -17.90 -1.19 -19.00
C THR B 127 -19.37 -1.60 -19.04
N VAL B 128 -20.09 -1.10 -20.05
CA VAL B 128 -21.45 -1.46 -20.33
C VAL B 128 -21.43 -2.26 -21.63
N VAL B 129 -21.90 -3.50 -21.56
CA VAL B 129 -21.81 -4.40 -22.69
C VAL B 129 -23.16 -4.69 -23.28
N HIS B 130 -23.47 -4.09 -24.43
CA HIS B 130 -24.75 -4.29 -25.11
C HIS B 130 -24.91 -5.68 -25.72
N PRO B 131 -26.09 -6.32 -25.56
CA PRO B 131 -26.26 -7.61 -26.16
C PRO B 131 -26.40 -7.43 -27.68
N PRO B 132 -26.25 -8.49 -28.46
CA PRO B 132 -26.35 -8.30 -29.91
C PRO B 132 -27.79 -7.97 -30.29
N ARG B 133 -27.98 -7.38 -31.46
CA ARG B 133 -29.31 -7.04 -31.97
C ARG B 133 -30.29 -8.23 -32.10
N SER B 134 -29.77 -9.38 -32.53
CA SER B 134 -30.57 -10.59 -32.73
C SER B 134 -29.68 -11.79 -32.42
N SER B 135 -30.29 -12.88 -31.96
CA SER B 135 -29.54 -14.06 -31.58
C SER B 135 -30.22 -15.39 -31.94
N ARG B 136 -29.38 -16.36 -32.34
CA ARG B 136 -29.80 -17.73 -32.60
C ARG B 136 -29.49 -18.62 -31.40
N LEU B 137 -29.11 -18.00 -30.30
CA LEU B 137 -28.72 -18.69 -29.10
C LEU B 137 -29.61 -18.35 -27.91
N THR B 138 -29.57 -19.21 -26.89
CA THR B 138 -30.31 -18.97 -25.63
C THR B 138 -29.62 -17.86 -24.81
N PRO B 139 -30.36 -16.76 -24.49
CA PRO B 139 -29.66 -15.76 -23.72
C PRO B 139 -29.45 -16.24 -22.30
N GLU B 140 -28.29 -15.89 -21.72
CA GLU B 140 -27.97 -16.21 -20.32
C GLU B 140 -27.79 -17.71 -20.12
N LYS B 141 -27.14 -18.35 -21.07
CA LYS B 141 -26.76 -19.75 -20.95
C LYS B 141 -25.28 -19.88 -21.32
N THR B 142 -24.47 -20.23 -20.33
CA THR B 142 -23.01 -20.32 -20.51
C THR B 142 -22.77 -21.17 -21.71
N TYR B 143 -21.90 -20.69 -22.61
CA TYR B 143 -21.51 -21.48 -23.76
C TYR B 143 -21.12 -22.85 -23.28
N PRO B 144 -21.62 -23.88 -23.97
CA PRO B 144 -21.20 -25.22 -23.61
C PRO B 144 -19.98 -25.62 -24.44
N GLY B 145 -19.12 -26.41 -23.81
CA GLY B 145 -17.92 -26.91 -24.49
C GLY B 145 -16.65 -26.78 -23.67
N ALA B 146 -15.58 -27.34 -24.22
CA ALA B 146 -14.24 -27.24 -23.69
C ALA B 146 -13.78 -25.78 -23.68
N GLN B 147 -12.94 -25.41 -22.73
CA GLN B 147 -12.41 -24.06 -22.66
C GLN B 147 -10.89 -24.10 -22.56
N LYS B 148 -10.24 -23.36 -23.44
CA LYS B 148 -8.77 -23.18 -23.40
C LYS B 148 -8.47 -22.37 -22.16
N PRO B 149 -7.29 -22.55 -21.52
CA PRO B 149 -7.07 -21.75 -20.34
C PRO B 149 -6.93 -20.28 -20.69
N ARG B 150 -7.47 -19.42 -19.82
CA ARG B 150 -7.22 -18.01 -19.83
C ARG B 150 -6.66 -17.70 -18.46
N ILE B 151 -5.52 -17.02 -18.42
CA ILE B 151 -4.97 -16.54 -17.16
C ILE B 151 -5.63 -15.21 -16.94
N ILE B 152 -6.42 -15.12 -15.88
CA ILE B 152 -7.24 -13.95 -15.61
C ILE B 152 -6.67 -13.00 -14.56
N TYR B 153 -5.69 -13.49 -13.81
CA TYR B 153 -5.12 -12.69 -12.75
C TYR B 153 -3.63 -12.88 -12.63
N THR B 154 -2.89 -11.88 -13.08
CA THR B 154 -1.43 -11.96 -13.04
C THR B 154 -0.84 -10.61 -12.66
N GLU B 155 0.41 -10.67 -12.19
CA GLU B 155 1.22 -9.50 -11.85
C GLU B 155 2.22 -9.21 -12.97
N LYS B 156 2.09 -8.10 -13.67
CA LYS B 156 3.04 -7.75 -14.76
C LYS B 156 4.40 -7.27 -14.22
N THR B 157 4.42 -6.59 -13.08
CA THR B 157 5.65 -6.10 -12.48
C THR B 157 5.53 -6.12 -10.95
N HIS B 158 6.54 -6.69 -10.28
CA HIS B 158 6.52 -6.76 -8.83
C HIS B 158 7.81 -6.29 -8.21
N LEU B 159 7.75 -5.12 -7.56
CA LEU B 159 8.94 -4.54 -6.94
C LEU B 159 8.80 -4.59 -5.43
N ASP B 160 9.75 -5.24 -4.79
CA ASP B 160 9.80 -5.28 -3.33
C ASP B 160 11.23 -5.39 -2.85
N LEU B 161 11.49 -4.96 -1.62
CA LEU B 161 12.78 -5.00 -0.98
C LEU B 161 13.33 -6.38 -0.74
N MET B 162 14.62 -6.55 -1.04
CA MET B 162 15.35 -7.78 -0.71
C MET B 162 14.95 -8.31 0.66
N GLY B 163 15.14 -9.61 0.84
CA GLY B 163 14.69 -10.28 2.06
C GLY B 163 13.19 -10.26 2.33
N SER B 164 12.42 -9.78 1.36
CA SER B 164 10.97 -9.80 1.47
C SER B 164 10.34 -11.00 0.75
N ASN B 165 9.23 -11.53 1.26
CA ASN B 165 8.56 -12.66 0.63
C ASN B 165 7.45 -12.24 -0.30
N ILE B 166 7.45 -12.78 -1.49
CA ILE B 166 6.48 -12.38 -2.52
C ILE B 166 5.61 -13.56 -2.94
N GLN B 167 4.38 -13.28 -3.28
CA GLN B 167 3.45 -14.30 -3.76
C GLN B 167 2.91 -13.81 -5.12
N LEU B 168 3.42 -14.41 -6.19
CA LEU B 168 2.99 -14.09 -7.54
C LEU B 168 1.74 -14.88 -7.87
N PRO B 169 0.76 -14.30 -8.58
CA PRO B 169 -0.41 -15.11 -8.81
C PRO B 169 -0.53 -15.57 -10.26
N CYS B 170 -1.05 -16.77 -10.42
CA CYS B 170 -1.63 -17.20 -11.67
C CYS B 170 -3.02 -17.67 -11.27
N ARG B 171 -4.02 -17.07 -11.89
CA ARG B 171 -5.39 -17.44 -11.69
C ARG B 171 -5.90 -17.76 -13.06
N VAL B 172 -6.30 -19.03 -13.27
CA VAL B 172 -6.83 -19.42 -14.57
C VAL B 172 -8.34 -19.60 -14.61
N HIS B 173 -8.89 -19.32 -15.77
CA HIS B 173 -10.26 -19.63 -16.05
C HIS B 173 -10.33 -20.55 -17.27
N ALA B 174 -10.11 -21.83 -17.00
CA ALA B 174 -10.18 -22.86 -18.06
C ALA B 174 -10.97 -24.09 -17.62
N ARG B 175 -11.96 -24.48 -18.42
CA ARG B 175 -12.66 -25.74 -18.28
C ARG B 175 -12.32 -26.60 -19.50
N PRO B 176 -11.81 -27.83 -19.30
CA PRO B 176 -11.54 -28.41 -17.97
C PRO B 176 -10.52 -27.66 -17.17
N ARG B 177 -10.42 -27.98 -15.88
CA ARG B 177 -9.52 -27.24 -14.95
C ARG B 177 -8.05 -27.39 -15.30
N ALA B 178 -7.35 -26.25 -15.43
CA ALA B 178 -5.98 -26.23 -15.93
C ALA B 178 -4.96 -26.57 -14.84
N GLU B 179 -3.71 -26.76 -15.26
CA GLU B 179 -2.65 -27.14 -14.33
C GLU B 179 -1.44 -26.28 -14.52
N ILE B 180 -0.97 -25.71 -13.43
CA ILE B 180 -0.02 -24.59 -13.50
C ILE B 180 1.41 -25.04 -13.35
N THR B 181 2.23 -24.64 -14.33
CA THR B 181 3.67 -24.84 -14.28
C THR B 181 4.30 -23.46 -14.30
N TRP B 182 5.29 -23.26 -13.45
CA TRP B 182 5.94 -21.99 -13.29
C TRP B 182 7.36 -22.02 -13.80
N LEU B 183 7.73 -21.01 -14.58
CA LEU B 183 9.10 -20.93 -15.10
C LEU B 183 9.81 -19.74 -14.52
N ASN B 184 11.05 -19.91 -14.06
CA ASN B 184 11.84 -18.79 -13.55
C ASN B 184 12.55 -18.03 -14.69
N ASN B 185 13.37 -17.06 -14.31
CA ASN B 185 14.11 -16.18 -15.24
C ASN B 185 15.03 -16.95 -16.18
N GLU B 186 15.62 -18.01 -15.67
CA GLU B 186 16.40 -18.91 -16.51
C GLU B 186 15.53 -19.61 -17.55
N ASN B 187 14.28 -19.86 -17.16
CA ASN B 187 13.30 -20.67 -17.88
C ASN B 187 13.25 -22.11 -17.45
N LYS B 188 14.04 -22.49 -16.45
CA LYS B 188 13.95 -23.84 -15.89
C LYS B 188 12.67 -23.95 -15.07
N GLU B 189 11.98 -25.08 -15.17
CA GLU B 189 10.84 -25.38 -14.31
C GLU B 189 11.19 -25.15 -12.84
N ILE B 190 10.17 -24.95 -12.03
CA ILE B 190 10.34 -24.69 -10.59
C ILE B 190 10.01 -25.93 -9.74
N VAL B 191 10.87 -26.21 -8.78
CA VAL B 191 10.70 -27.36 -7.90
C VAL B 191 10.52 -26.89 -6.48
N GLN B 192 9.64 -27.55 -5.73
CA GLN B 192 9.45 -27.31 -4.31
C GLN B 192 10.79 -27.31 -3.58
N GLY B 193 10.99 -26.34 -2.73
CA GLY B 193 12.18 -26.26 -1.91
C GLY B 193 12.14 -25.15 -0.90
N HIS B 194 13.28 -24.87 -0.27
CA HIS B 194 13.52 -23.60 0.45
C HIS B 194 13.44 -22.54 -0.62
N ARG B 195 12.97 -21.34 -0.24
CA ARG B 195 12.68 -20.24 -1.16
C ARG B 195 11.53 -20.64 -2.09
N HIS B 196 11.79 -20.81 -3.39
CA HIS B 196 10.69 -21.01 -4.34
C HIS B 196 9.77 -22.17 -3.92
N ARG B 197 8.47 -21.96 -4.09
CA ARG B 197 7.45 -22.90 -3.64
C ARG B 197 6.15 -22.56 -4.33
N VAL B 198 5.46 -23.57 -4.88
CA VAL B 198 4.24 -23.36 -5.65
C VAL B 198 3.03 -23.82 -4.84
N LEU B 199 2.06 -22.94 -4.66
CA LEU B 199 0.93 -23.20 -3.78
C LEU B 199 -0.23 -23.85 -4.51
N ALA B 200 -1.25 -24.23 -3.74
CA ALA B 200 -2.48 -24.81 -4.27
C ALA B 200 -3.25 -23.84 -5.16
N ASN B 201 -3.14 -22.55 -4.88
CA ASN B 201 -3.84 -21.55 -5.66
C ASN B 201 -3.23 -21.36 -7.02
N GLY B 202 -2.00 -21.86 -7.21
CA GLY B 202 -1.23 -21.58 -8.41
C GLY B 202 -0.23 -20.46 -8.24
N ASP B 203 -0.38 -19.69 -7.16
CA ASP B 203 0.53 -18.65 -6.75
C ASP B 203 1.92 -19.23 -6.51
N LEU B 204 2.94 -18.53 -6.98
CA LEU B 204 4.33 -18.87 -6.73
C LEU B 204 4.89 -17.97 -5.66
N LEU B 205 5.42 -18.60 -4.62
CA LEU B 205 5.83 -17.88 -3.44
C LEU B 205 7.34 -17.98 -3.30
N ILE B 206 8.02 -16.86 -3.45
CA ILE B 206 9.47 -16.80 -3.34
C ILE B 206 9.85 -16.12 -2.03
N SER B 207 10.78 -16.72 -1.27
CA SER B 207 11.05 -16.27 0.10
C SER B 207 12.44 -15.74 0.33
N GLU B 208 12.53 -14.73 1.19
CA GLU B 208 13.81 -14.08 1.53
C GLU B 208 14.60 -13.82 0.25
N ILE B 209 13.98 -13.10 -0.66
CA ILE B 209 14.51 -12.89 -1.99
C ILE B 209 15.87 -12.20 -1.99
N LYS B 210 16.71 -12.62 -2.93
CA LYS B 210 18.00 -12.06 -3.18
C LYS B 210 17.96 -11.40 -4.55
N TRP B 211 19.10 -10.90 -5.04
CA TRP B 211 19.15 -10.32 -6.36
C TRP B 211 19.33 -11.43 -7.40
N GLU B 212 19.87 -12.55 -6.95
CA GLU B 212 19.99 -13.74 -7.78
C GLU B 212 18.66 -14.14 -8.39
N ASP B 213 17.56 -13.62 -7.84
CA ASP B 213 16.23 -14.01 -8.23
C ASP B 213 15.63 -13.10 -9.28
N MET B 214 16.23 -11.94 -9.47
CA MET B 214 15.67 -10.94 -10.39
C MET B 214 15.51 -11.52 -11.77
N GLY B 215 14.37 -11.24 -12.40
CA GLY B 215 14.12 -11.67 -13.75
C GLY B 215 12.67 -11.67 -14.14
N ASN B 216 12.36 -12.51 -15.12
CA ASN B 216 11.03 -12.63 -15.65
C ASN B 216 10.55 -14.03 -15.38
N TYR B 217 9.38 -14.16 -14.73
CA TYR B 217 8.86 -15.46 -14.35
C TYR B 217 7.58 -15.78 -15.13
N LYS B 218 7.44 -17.02 -15.56
CA LYS B 218 6.38 -17.43 -16.47
C LYS B 218 5.42 -18.47 -15.89
N CYS B 219 4.14 -18.21 -16.10
CA CYS B 219 3.08 -19.09 -15.70
C CYS B 219 2.50 -19.77 -16.94
N ILE B 220 2.59 -21.10 -16.99
CA ILE B 220 1.96 -21.86 -18.03
C ILE B 220 0.79 -22.63 -17.46
N ALA B 221 -0.39 -22.26 -17.94
CA ALA B 221 -1.63 -22.95 -17.56
C ALA B 221 -2.10 -23.79 -18.73
N ARG B 222 -2.19 -25.09 -18.55
CA ARG B 222 -2.50 -26.00 -19.66
C ARG B 222 -3.57 -26.98 -19.29
N ASN B 223 -4.59 -27.10 -20.13
CA ASN B 223 -5.57 -28.17 -19.96
C ASN B 223 -5.68 -28.90 -21.29
N VAL B 224 -6.61 -29.86 -21.32
CA VAL B 224 -6.80 -30.78 -22.44
C VAL B 224 -6.91 -30.13 -23.82
N VAL B 225 -7.43 -28.90 -23.88
CA VAL B 225 -7.61 -28.20 -25.15
C VAL B 225 -6.52 -27.17 -25.50
N GLY B 226 -5.63 -26.88 -24.57
CA GLY B 226 -4.64 -25.80 -24.87
C GLY B 226 -3.99 -25.07 -23.74
N LYS B 227 -3.39 -23.91 -23.98
CA LYS B 227 -2.64 -23.18 -22.96
C LYS B 227 -2.71 -21.65 -23.08
N ASP B 228 -2.44 -20.95 -21.98
CA ASP B 228 -2.18 -19.51 -22.03
C ASP B 228 -1.03 -19.20 -21.07
N THR B 229 -0.28 -18.12 -21.31
CA THR B 229 0.90 -17.80 -20.52
C THR B 229 1.03 -16.36 -20.06
N ALA B 230 1.64 -16.21 -18.89
CA ALA B 230 1.82 -14.94 -18.25
C ALA B 230 3.24 -14.79 -17.73
N ASP B 231 3.81 -13.61 -17.92
CA ASP B 231 5.15 -13.33 -17.39
C ASP B 231 5.08 -12.27 -16.31
N THR B 232 5.59 -12.58 -15.14
CA THR B 232 5.63 -11.62 -14.03
C THR B 232 7.08 -11.12 -13.80
N PHE B 233 7.37 -9.92 -14.29
CA PHE B 233 8.65 -9.32 -14.01
C PHE B 233 8.79 -9.09 -12.51
N VAL B 234 9.91 -9.50 -11.92
CA VAL B 234 10.20 -9.25 -10.51
C VAL B 234 11.52 -8.48 -10.40
N TYR B 235 11.60 -7.52 -9.49
CA TYR B 235 12.87 -6.87 -9.24
C TYR B 235 13.07 -6.68 -7.74
N PRO B 236 13.95 -7.45 -7.12
CA PRO B 236 14.21 -7.15 -5.72
C PRO B 236 14.97 -5.85 -5.56
N VAL B 237 14.56 -5.00 -4.64
CA VAL B 237 15.22 -3.73 -4.38
C VAL B 237 16.00 -3.85 -3.09
N LEU B 238 16.98 -2.96 -2.94
CA LEU B 238 17.82 -2.89 -1.76
C LEU B 238 17.97 -1.43 -1.32
N ASN B 239 18.38 -1.21 -0.08
CA ASN B 239 18.59 -2.28 0.90
C ASN B 239 17.55 -2.15 2.00
N GLU B 240 17.59 -1.06 2.78
CA GLU B 240 18.63 -0.01 2.74
C GLU B 240 19.99 -0.51 3.26
N GLU B 241 21.04 -0.25 2.48
CA GLU B 241 22.41 -0.65 2.81
C GLU B 241 23.21 -1.01 1.56
N TRP C 32 29.83 45.86 9.08
CA TRP C 32 30.53 45.91 7.76
C TRP C 32 30.18 44.69 6.92
N LEU C 33 30.17 44.85 5.58
CA LEU C 33 29.92 43.75 4.65
C LEU C 33 30.92 43.86 3.52
N LYS C 34 31.64 42.79 3.22
CA LYS C 34 32.71 42.85 2.24
C LYS C 34 32.73 41.65 1.34
N PHE C 35 33.04 41.84 0.06
CA PHE C 35 33.02 40.72 -0.87
C PHE C 35 34.38 40.06 -1.03
N THR C 36 34.54 38.86 -0.48
CA THR C 36 35.78 38.13 -0.64
C THR C 36 35.85 37.40 -1.99
N LYS C 37 34.71 36.85 -2.43
CA LYS C 37 34.54 36.35 -3.80
C LYS C 37 33.40 37.07 -4.52
N THR C 38 33.60 37.41 -5.80
CA THR C 38 32.52 38.01 -6.58
C THR C 38 32.20 37.25 -7.87
N PRO C 39 30.98 37.43 -8.41
CA PRO C 39 30.62 36.79 -9.67
C PRO C 39 30.69 37.74 -10.88
N THR C 50 25.08 21.80 -14.59
CA THR C 50 24.91 23.16 -15.05
C THR C 50 26.16 24.00 -14.78
N ILE C 51 25.93 25.30 -14.62
CA ILE C 51 26.92 26.28 -14.26
C ILE C 51 26.63 26.76 -12.83
N GLU C 52 27.66 26.81 -11.99
CA GLU C 52 27.51 27.15 -10.59
C GLU C 52 28.13 28.51 -10.26
N ILE C 53 27.28 29.47 -9.89
CA ILE C 53 27.73 30.84 -9.64
C ILE C 53 28.02 30.99 -8.14
N VAL C 54 29.28 31.29 -7.80
CA VAL C 54 29.71 31.29 -6.41
C VAL C 54 30.02 32.70 -5.93
N CYS C 55 29.30 33.12 -4.89
CA CYS C 55 29.61 34.42 -4.29
C CYS C 55 29.88 34.30 -2.80
N GLU C 56 31.03 34.76 -2.36
CA GLU C 56 31.47 34.64 -0.96
C GLU C 56 31.65 36.03 -0.35
N MET C 57 31.39 36.15 0.95
CA MET C 57 31.53 37.45 1.62
C MET C 57 31.92 37.29 3.07
N MET C 58 32.56 38.32 3.62
CA MET C 58 32.91 38.37 5.03
C MET C 58 32.26 39.60 5.64
N GLY C 59 31.67 39.44 6.83
CA GLY C 59 30.88 40.50 7.45
C GLY C 59 30.67 40.28 8.92
N SER C 60 30.15 41.29 9.61
CA SER C 60 29.92 41.18 11.03
C SER C 60 28.80 40.19 11.29
N GLN C 61 28.69 39.75 12.53
CA GLN C 61 27.66 38.85 13.00
C GLN C 61 27.52 37.76 11.94
N VAL C 62 26.31 37.44 11.49
CA VAL C 62 26.13 36.44 10.48
C VAL C 62 25.46 37.03 9.23
N PRO C 63 26.26 37.40 8.21
CA PRO C 63 25.54 37.86 7.00
C PRO C 63 24.82 36.68 6.34
N SER C 64 23.74 37.01 5.61
CA SER C 64 22.97 35.98 4.96
C SER C 64 22.91 36.22 3.46
N ILE C 65 23.34 35.22 2.70
CA ILE C 65 23.41 35.37 1.24
C ILE C 65 22.14 34.81 0.62
N GLN C 66 21.47 35.65 -0.15
CA GLN C 66 20.21 35.33 -0.80
C GLN C 66 20.30 35.89 -2.20
N TRP C 67 19.40 35.48 -3.09
CA TRP C 67 19.40 36.03 -4.46
C TRP C 67 18.10 35.94 -5.23
N VAL C 68 18.13 36.44 -6.46
CA VAL C 68 16.98 36.47 -7.33
C VAL C 68 17.39 36.27 -8.78
N VAL C 69 16.38 36.31 -9.65
CA VAL C 69 16.58 36.13 -11.10
C VAL C 69 15.78 37.10 -11.94
N LEU C 72 13.96 43.55 -8.40
CA LEU C 72 13.51 44.24 -7.19
C LEU C 72 13.96 45.70 -7.17
N PRO C 73 13.11 46.59 -6.66
CA PRO C 73 13.64 47.93 -6.39
C PRO C 73 14.20 48.10 -4.96
N ARG C 74 13.32 47.93 -3.98
CA ARG C 74 13.60 47.86 -2.56
C ARG C 74 13.26 46.46 -2.01
N SER C 75 14.17 45.97 -1.16
CA SER C 75 14.17 44.57 -0.73
C SER C 75 13.73 44.41 0.74
N GLU C 76 12.81 43.47 0.92
CA GLU C 76 12.37 42.97 2.24
C GLU C 76 12.40 41.43 2.17
N LEU C 77 13.18 40.79 3.05
CA LEU C 77 13.39 39.34 3.02
C LEU C 77 13.64 38.68 4.39
N ASP C 78 12.84 39.07 5.39
CA ASP C 78 12.70 38.32 6.67
C ASP C 78 13.93 38.23 7.58
N ASP C 79 14.38 39.39 8.08
CA ASP C 79 15.48 39.53 9.05
C ASP C 79 14.93 39.95 10.43
N LEU C 80 15.29 39.21 11.47
CA LEU C 80 14.53 39.23 12.74
C LEU C 80 15.30 39.68 13.96
N ASP C 81 14.88 40.81 14.53
CA ASP C 81 15.52 41.46 15.70
C ASP C 81 17.06 41.63 15.70
N SER C 91 27.66 40.69 17.62
CA SER C 91 28.20 39.55 18.36
C SER C 91 29.53 38.99 17.82
N ALA C 92 29.63 38.78 16.50
CA ALA C 92 30.61 37.85 15.90
C ALA C 92 31.01 38.20 14.49
N ILE C 93 32.02 37.51 13.94
CA ILE C 93 32.50 37.73 12.59
C ILE C 93 32.36 36.44 11.82
N VAL C 94 31.90 36.50 10.57
CA VAL C 94 31.57 35.32 9.77
C VAL C 94 31.96 35.46 8.28
N ARG C 95 32.49 34.41 7.69
CA ARG C 95 32.75 34.33 6.27
C ARG C 95 31.86 33.26 5.66
N VAL C 96 30.98 33.68 4.77
CA VAL C 96 29.87 32.85 4.32
C VAL C 96 29.97 32.66 2.79
N ARG C 97 29.74 31.45 2.32
CA ARG C 97 29.74 31.20 0.87
C ARG C 97 28.40 30.59 0.45
N SER C 98 27.92 30.98 -0.73
CA SER C 98 26.74 30.37 -1.31
C SER C 98 26.89 30.19 -2.82
N SER C 99 26.31 29.09 -3.32
CA SER C 99 26.42 28.76 -4.72
C SER C 99 25.06 28.51 -5.39
N HIS C 100 25.02 28.61 -6.72
CA HIS C 100 23.78 28.39 -7.46
C HIS C 100 23.93 27.46 -8.67
N THR C 111 19.72 36.49 -16.32
CA THR C 111 19.82 37.56 -15.32
C THR C 111 19.82 36.97 -13.93
N TYR C 112 20.81 37.35 -13.13
CA TYR C 112 20.90 36.87 -11.75
C TYR C 112 21.39 37.93 -10.74
N THR C 113 21.45 37.50 -9.50
CA THR C 113 21.89 38.33 -8.38
C THR C 113 22.44 37.47 -7.25
N CYS C 114 23.25 38.04 -6.38
CA CYS C 114 23.52 37.51 -5.05
C CYS C 114 23.54 38.71 -4.12
N VAL C 115 22.64 38.69 -3.16
CA VAL C 115 22.52 39.71 -2.15
C VAL C 115 23.04 39.24 -0.79
N GLY C 116 23.98 40.01 -0.23
CA GLY C 116 24.35 39.84 1.17
C GLY C 116 23.79 40.91 2.06
N ARG C 117 23.23 40.55 3.21
CA ARG C 117 22.61 41.55 4.08
C ARG C 117 22.80 41.31 5.57
N THR C 118 23.69 42.07 6.16
CA THR C 118 23.82 42.08 7.61
C THR C 118 23.43 43.44 8.12
N GLY C 119 22.59 43.48 9.15
CA GLY C 119 22.20 44.74 9.79
C GLY C 119 21.90 45.85 8.82
N SER C 120 22.56 46.99 9.02
CA SER C 120 22.42 48.14 8.13
C SER C 120 22.97 47.88 6.70
N LYS C 121 24.06 47.12 6.63
CA LYS C 121 24.77 46.95 5.36
C LYS C 121 24.16 45.86 4.46
N THR C 122 24.35 46.07 3.14
CA THR C 122 23.81 45.21 2.09
C THR C 122 24.70 45.39 0.86
N ILE C 123 25.20 44.28 0.32
CA ILE C 123 25.93 44.32 -0.94
C ILE C 123 25.40 43.33 -1.96
N TYR C 124 25.44 43.72 -3.23
CA TYR C 124 24.79 42.93 -4.26
C TYR C 124 25.48 42.94 -5.62
N ALA C 125 25.41 41.78 -6.29
CA ALA C 125 26.23 41.46 -7.44
C ALA C 125 25.36 40.77 -8.48
N SER C 126 25.80 40.82 -9.73
CA SER C 126 25.08 40.21 -10.85
C SER C 126 26.02 39.34 -11.68
N THR C 127 25.46 38.37 -12.39
CA THR C 127 26.18 37.42 -13.21
C THR C 127 25.69 37.48 -14.67
N VAL C 128 26.61 37.24 -15.60
CA VAL C 128 26.40 37.49 -17.02
C VAL C 128 26.08 36.20 -17.77
N VAL C 129 24.85 36.12 -18.27
CA VAL C 129 24.31 34.90 -18.83
C VAL C 129 25.05 34.30 -20.01
N HIS C 130 25.10 32.98 -19.98
CA HIS C 130 25.66 32.13 -21.06
C HIS C 130 27.15 32.34 -21.39
N ALA C 146 20.33 11.80 -12.48
CA ALA C 146 21.07 11.77 -11.21
C ALA C 146 22.14 12.88 -11.11
N GLN C 147 22.18 13.53 -9.95
CA GLN C 147 23.10 14.64 -9.73
C GLN C 147 23.92 14.42 -8.46
N LYS C 148 25.22 14.71 -8.58
CA LYS C 148 26.18 14.69 -7.50
C LYS C 148 25.79 15.77 -6.49
N PRO C 149 26.12 15.58 -5.19
CA PRO C 149 25.80 16.66 -4.28
C PRO C 149 26.60 17.92 -4.58
N ARG C 150 25.98 19.08 -4.39
CA ARG C 150 26.67 20.36 -4.42
C ARG C 150 26.31 21.06 -3.14
N ILE C 151 27.28 21.72 -2.48
CA ILE C 151 26.99 22.48 -1.25
C ILE C 151 26.70 23.97 -1.48
N ILE C 152 25.44 24.29 -1.54
CA ILE C 152 24.98 25.61 -1.92
C ILE C 152 25.33 26.66 -0.86
N TYR C 153 25.44 26.25 0.41
CA TYR C 153 25.56 27.24 1.46
C TYR C 153 26.43 26.75 2.60
N THR C 154 27.60 27.34 2.77
CA THR C 154 28.45 26.99 3.89
C THR C 154 29.17 28.21 4.48
N GLU C 155 29.72 28.03 5.69
CA GLU C 155 30.61 29.01 6.32
C GLU C 155 32.10 28.62 6.23
N LYS C 156 32.93 29.46 5.63
CA LYS C 156 34.38 29.23 5.64
C LYS C 156 35.07 29.60 6.96
N THR C 157 34.52 30.54 7.72
CA THR C 157 35.16 31.06 8.94
C THR C 157 34.10 31.58 9.88
N HIS C 158 34.17 31.20 11.16
CA HIS C 158 33.23 31.70 12.17
C HIS C 158 33.97 32.11 13.42
N LEU C 159 33.82 33.39 13.77
CA LEU C 159 34.40 33.96 14.97
C LEU C 159 33.28 34.39 15.86
N ASP C 160 33.32 33.96 17.11
CA ASP C 160 32.48 34.48 18.18
C ASP C 160 33.20 34.29 19.54
N LEU C 161 32.72 34.97 20.58
CA LEU C 161 33.24 34.73 21.93
C LEU C 161 32.77 33.41 22.56
N MET C 162 33.62 32.86 23.44
CA MET C 162 33.23 31.75 24.26
C MET C 162 31.86 31.93 24.87
N GLY C 163 31.26 30.83 25.30
CA GLY C 163 29.94 30.85 25.91
C GLY C 163 28.84 31.10 24.91
N SER C 164 29.18 31.23 23.63
CA SER C 164 28.19 31.41 22.58
C SER C 164 27.80 30.10 21.90
N ASN C 165 26.53 29.98 21.54
CA ASN C 165 26.04 28.80 20.82
C ASN C 165 25.99 29.07 19.33
N ILE C 166 26.65 28.24 18.51
CA ILE C 166 26.81 28.56 17.10
C ILE C 166 26.18 27.49 16.21
N GLN C 167 25.74 27.88 15.02
CA GLN C 167 25.05 26.99 14.11
C GLN C 167 25.69 27.09 12.73
N LEU C 168 26.59 26.19 12.38
CA LEU C 168 27.22 26.16 11.05
C LEU C 168 26.27 25.49 10.07
N PRO C 169 26.17 26.00 8.80
CA PRO C 169 25.17 25.40 7.96
C PRO C 169 25.76 24.58 6.84
N CYS C 170 25.05 23.54 6.44
CA CYS C 170 25.43 22.77 5.27
C CYS C 170 24.20 22.57 4.43
N ARG C 171 24.11 23.24 3.29
CA ARG C 171 22.90 23.12 2.47
C ARG C 171 23.27 22.58 1.13
N VAL C 172 23.12 21.29 0.92
CA VAL C 172 23.43 20.68 -0.36
C VAL C 172 22.39 20.96 -1.41
N HIS C 173 22.73 20.70 -2.67
CA HIS C 173 21.77 20.61 -3.73
C HIS C 173 22.10 19.36 -4.56
N ALA C 174 21.57 18.23 -4.12
CA ALA C 174 21.82 16.95 -4.76
C ALA C 174 20.60 16.05 -4.68
N ARG C 175 20.32 15.38 -5.79
CA ARG C 175 19.20 14.44 -5.93
C ARG C 175 19.81 13.14 -6.45
N PRO C 176 19.70 12.00 -5.74
CA PRO C 176 18.97 11.87 -4.48
C PRO C 176 19.46 12.79 -3.37
N ARG C 177 18.62 12.96 -2.35
CA ARG C 177 18.93 13.79 -1.18
C ARG C 177 20.23 13.36 -0.51
N ALA C 178 21.08 14.33 -0.19
CA ALA C 178 22.40 14.01 0.39
C ALA C 178 22.33 13.66 1.86
N GLU C 179 23.33 12.89 2.31
CA GLU C 179 23.33 12.31 3.66
C GLU C 179 24.48 12.90 4.50
N ILE C 180 24.17 13.94 5.24
CA ILE C 180 25.16 14.80 5.86
C ILE C 180 25.80 14.19 7.11
N THR C 181 27.13 14.19 7.14
CA THR C 181 27.89 13.68 8.29
C THR C 181 28.91 14.76 8.61
N TRP C 182 29.05 15.06 9.90
CA TRP C 182 29.90 16.17 10.34
C TRP C 182 31.10 15.67 11.15
N LEU C 183 32.28 16.04 10.67
CA LEU C 183 33.54 15.71 11.31
C LEU C 183 34.11 16.79 12.22
N ASN C 184 34.34 16.43 13.49
CA ASN C 184 34.83 17.45 14.43
C ASN C 184 36.36 17.70 14.34
N ASN C 185 36.84 18.68 15.09
CA ASN C 185 38.22 19.14 15.11
C ASN C 185 39.30 18.07 15.18
N GLU C 186 38.93 16.92 15.76
CA GLU C 186 39.80 15.76 15.73
C GLU C 186 39.51 14.80 14.58
N ASN C 187 38.57 15.17 13.70
CA ASN C 187 38.07 14.31 12.61
C ASN C 187 37.31 13.10 13.11
N LYS C 188 36.71 13.23 14.29
CA LYS C 188 35.81 12.23 14.83
C LYS C 188 34.50 12.39 14.07
N GLU C 189 33.44 11.75 14.55
CA GLU C 189 32.11 11.92 13.97
C GLU C 189 31.27 12.55 15.07
N ILE C 190 30.82 13.79 14.83
CA ILE C 190 30.11 14.53 15.89
C ILE C 190 28.84 13.77 16.32
N VAL C 191 28.77 13.44 17.59
CA VAL C 191 27.70 12.58 18.11
C VAL C 191 26.85 13.36 19.10
N GLN C 192 25.54 13.14 19.02
CA GLN C 192 24.58 13.85 19.88
C GLN C 192 25.02 13.88 21.34
N GLY C 193 25.18 15.08 21.87
CA GLY C 193 25.69 15.29 23.20
C GLY C 193 25.07 16.56 23.78
N HIS C 194 25.37 16.82 25.07
CA HIS C 194 25.02 18.08 25.73
C HIS C 194 25.59 19.23 24.88
N ARG C 195 26.81 19.00 24.39
CA ARG C 195 27.52 19.96 23.58
C ARG C 195 26.87 20.07 22.20
N HIS C 196 26.79 18.96 21.48
CA HIS C 196 26.54 18.96 20.03
C HIS C 196 25.20 18.37 19.60
N ARG C 197 24.77 18.75 18.41
CA ARG C 197 23.61 18.21 17.73
C ARG C 197 23.85 18.48 16.23
N VAL C 198 23.59 17.48 15.41
CA VAL C 198 23.43 17.76 13.97
C VAL C 198 21.94 17.98 13.74
N LEU C 199 21.62 19.15 13.19
CA LEU C 199 20.22 19.55 13.05
C LEU C 199 19.54 18.81 11.94
N ALA C 200 18.21 18.86 11.97
CA ALA C 200 17.38 18.21 10.96
C ALA C 200 17.58 18.84 9.57
N ASN C 201 17.90 20.15 9.55
CA ASN C 201 18.05 20.87 8.32
C ASN C 201 19.51 20.90 7.84
N GLY C 202 20.34 20.09 8.45
CA GLY C 202 21.73 19.94 8.07
C GLY C 202 22.72 20.80 8.83
N ASP C 203 22.21 21.78 9.55
CA ASP C 203 23.05 22.65 10.39
C ASP C 203 23.68 21.86 11.50
N LEU C 204 24.95 22.11 11.80
CA LEU C 204 25.56 21.62 13.07
C LEU C 204 25.49 22.65 14.19
N LEU C 205 24.98 22.25 15.35
CA LEU C 205 24.89 23.14 16.47
C LEU C 205 25.85 22.85 17.61
N ILE C 206 26.85 23.70 17.76
CA ILE C 206 27.82 23.52 18.83
C ILE C 206 27.50 24.23 20.15
N SER C 207 26.49 23.71 20.85
CA SER C 207 26.24 24.08 22.27
C SER C 207 26.53 25.51 22.71
N GLU C 208 27.45 25.67 23.66
CA GLU C 208 28.09 26.95 23.97
C GLU C 208 29.59 26.77 23.77
N ILE C 209 30.20 27.65 22.98
CA ILE C 209 31.58 27.48 22.55
C ILE C 209 32.56 27.52 23.73
N LYS C 210 33.59 26.68 23.68
CA LYS C 210 34.78 26.88 24.53
C LYS C 210 36.00 26.56 23.70
N TRP C 211 37.16 27.02 24.16
CA TRP C 211 38.39 26.68 23.45
C TRP C 211 38.54 25.17 23.57
N GLU C 212 39.16 24.56 22.57
CA GLU C 212 39.23 23.12 22.51
C GLU C 212 37.99 22.60 21.77
N ASP C 213 36.96 23.45 21.64
CA ASP C 213 36.04 23.35 20.51
C ASP C 213 36.60 24.08 19.30
N MET C 214 37.66 24.86 19.48
CA MET C 214 38.35 25.50 18.39
C MET C 214 38.79 24.45 17.37
N GLY C 215 38.62 24.80 16.10
CA GLY C 215 39.24 24.04 15.04
C GLY C 215 38.50 24.04 13.72
N ASN C 216 38.86 23.09 12.89
CA ASN C 216 38.27 22.88 11.60
C ASN C 216 37.09 21.90 11.71
N TYR C 217 36.04 22.22 11.00
CA TYR C 217 34.86 21.38 10.93
C TYR C 217 34.53 21.03 9.49
N LYS C 218 34.18 19.76 9.26
CA LYS C 218 33.96 19.26 7.92
C LYS C 218 32.57 18.72 7.66
N CYS C 219 31.98 19.14 6.54
CA CYS C 219 30.65 18.64 6.17
C CYS C 219 30.79 17.68 5.00
N ILE C 220 30.44 16.40 5.22
CA ILE C 220 30.52 15.41 4.17
C ILE C 220 29.11 15.00 3.78
N ALA C 221 28.72 15.42 2.57
CA ALA C 221 27.40 15.22 2.06
C ALA C 221 27.55 14.25 0.90
N ARG C 222 27.12 13.01 1.12
CA ARG C 222 27.27 11.93 0.16
C ARG C 222 25.96 11.21 -0.09
N ASN C 223 25.68 10.94 -1.37
CA ASN C 223 24.52 10.15 -1.73
C ASN C 223 24.95 8.93 -2.55
N VAL C 224 24.04 8.34 -3.31
CA VAL C 224 24.37 7.22 -4.19
C VAL C 224 25.41 7.55 -5.27
N VAL C 225 25.37 8.76 -5.83
CA VAL C 225 26.14 9.08 -7.04
C VAL C 225 27.45 9.84 -6.82
N GLY C 226 27.76 10.20 -5.57
CA GLY C 226 28.99 10.99 -5.32
C GLY C 226 28.97 11.87 -4.09
N LYS C 227 30.14 12.44 -3.74
CA LYS C 227 30.27 13.22 -2.50
C LYS C 227 30.87 14.61 -2.67
N ASP C 228 30.55 15.48 -1.74
CA ASP C 228 31.12 16.83 -1.67
C ASP C 228 31.53 17.11 -0.25
N THR C 229 32.51 18.00 -0.06
CA THR C 229 32.99 18.35 1.28
C THR C 229 33.27 19.83 1.39
N ALA C 230 32.86 20.39 2.53
CA ALA C 230 33.14 21.78 2.84
C ALA C 230 33.58 21.92 4.28
N ASP C 231 34.62 22.72 4.50
CA ASP C 231 35.22 22.91 5.80
C ASP C 231 34.87 24.30 6.36
N THR C 232 34.36 24.30 7.59
CA THR C 232 34.00 25.52 8.27
C THR C 232 34.93 25.58 9.42
N PHE C 233 35.60 26.72 9.62
CA PHE C 233 36.58 26.93 10.68
C PHE C 233 35.94 27.67 11.85
N VAL C 234 36.22 27.23 13.07
CA VAL C 234 35.66 27.85 14.27
C VAL C 234 36.77 28.37 15.20
N TYR C 235 36.74 29.67 15.40
CA TYR C 235 37.65 30.30 16.35
C TYR C 235 36.92 30.97 17.52
N PRO C 236 37.03 30.40 18.74
CA PRO C 236 36.45 31.11 19.87
C PRO C 236 37.56 31.69 20.79
N VAL C 237 37.55 32.96 21.16
CA VAL C 237 36.58 33.96 20.80
C VAL C 237 36.86 35.25 21.53
N ALA D 27 8.62 10.99 1.58
CA ALA D 27 9.54 9.87 1.23
C ALA D 27 8.88 8.74 0.43
N PHE D 28 9.70 7.79 -0.02
CA PHE D 28 9.30 6.61 -0.82
C PHE D 28 8.65 6.96 -2.19
N GLU D 29 7.38 6.65 -2.44
CA GLU D 29 6.83 6.97 -3.76
C GLU D 29 5.48 7.72 -3.78
N ALA D 30 5.16 8.48 -2.72
CA ALA D 30 3.91 9.27 -2.68
C ALA D 30 3.99 10.50 -1.77
N ASP D 31 3.38 11.62 -2.17
CA ASP D 31 3.51 12.91 -1.43
C ASP D 31 2.42 13.94 -1.73
N TRP D 32 2.27 14.94 -0.85
CA TRP D 32 1.19 15.93 -0.99
C TRP D 32 1.38 17.28 -0.29
N LEU D 33 0.62 18.28 -0.76
CA LEU D 33 0.46 19.57 -0.08
C LEU D 33 -0.79 20.35 -0.55
N LYS D 34 -1.54 20.91 0.40
CA LYS D 34 -2.75 21.68 0.12
C LYS D 34 -2.61 23.17 0.43
N PHE D 35 -3.54 23.98 -0.06
CA PHE D 35 -3.34 25.44 -0.10
C PHE D 35 -3.97 26.31 1.00
N THR D 36 -4.90 25.74 1.78
CA THR D 36 -5.58 26.46 2.88
C THR D 36 -6.13 27.83 2.41
N LYS D 37 -5.69 28.91 3.05
CA LYS D 37 -6.16 30.28 2.81
C LYS D 37 -5.17 31.15 2.02
N THR D 38 -5.56 31.60 0.83
CA THR D 38 -4.69 32.33 -0.08
C THR D 38 -5.32 33.65 -0.56
N PRO D 39 -4.49 34.62 -0.96
CA PRO D 39 -4.93 35.82 -1.67
C PRO D 39 -4.31 35.92 -3.09
N PRO D 40 -4.76 36.87 -3.95
CA PRO D 40 -4.21 36.82 -5.34
C PRO D 40 -2.81 37.41 -5.50
N CYS D 55 0.03 33.66 2.46
CA CYS D 55 -0.41 32.35 1.99
C CYS D 55 0.08 31.25 2.93
N GLU D 56 -0.84 30.67 3.70
CA GLU D 56 -0.55 29.53 4.57
C GLU D 56 -1.07 28.25 3.93
N MET D 57 -0.25 27.22 3.91
CA MET D 57 -0.55 25.96 3.20
C MET D 57 -0.19 24.77 4.07
N MET D 58 -0.80 23.62 3.81
CA MET D 58 -0.51 22.39 4.54
C MET D 58 0.14 21.39 3.60
N GLY D 59 0.89 20.44 4.17
CA GLY D 59 1.57 19.46 3.34
C GLY D 59 2.17 18.30 4.10
N SER D 60 2.94 17.51 3.38
CA SER D 60 3.58 16.31 3.90
C SER D 60 5.04 16.62 4.14
N GLN D 61 5.66 15.96 5.12
CA GLN D 61 6.98 16.38 5.61
C GLN D 61 6.80 17.82 6.05
N VAL D 62 7.85 18.62 6.02
CA VAL D 62 7.71 20.05 6.28
C VAL D 62 7.80 20.84 4.99
N PRO D 63 6.71 21.55 4.60
CA PRO D 63 6.88 22.36 3.40
C PRO D 63 7.60 23.66 3.72
N SER D 64 8.01 24.38 2.69
CA SER D 64 8.78 25.60 2.88
C SER D 64 8.39 26.57 1.79
N ILE D 65 7.86 27.70 2.20
CA ILE D 65 7.25 28.62 1.26
C ILE D 65 8.07 29.91 1.21
N GLN D 66 8.35 30.39 0.00
CA GLN D 66 9.21 31.58 -0.17
C GLN D 66 8.90 32.33 -1.45
N TRP D 67 8.27 33.50 -1.28
CA TRP D 67 7.93 34.41 -2.36
C TRP D 67 9.13 34.79 -3.22
N HIS D 71 8.96 34.37 -13.88
CA HIS D 71 10.01 33.91 -14.80
C HIS D 71 10.26 32.40 -14.74
N LEU D 72 9.26 31.62 -15.17
CA LEU D 72 9.42 30.17 -15.35
C LEU D 72 10.57 29.86 -16.35
N PRO D 73 11.00 28.60 -16.47
CA PRO D 73 10.39 27.50 -15.74
C PRO D 73 11.22 26.99 -14.57
N ARG D 74 12.52 27.31 -14.55
CA ARG D 74 13.44 26.88 -13.47
C ARG D 74 13.12 27.59 -12.14
N SER D 75 13.08 26.81 -11.05
CA SER D 75 12.69 27.30 -9.73
C SER D 75 12.56 26.14 -8.76
N ASP D 78 17.86 24.17 -0.79
CA ASP D 78 17.09 22.97 -0.45
C ASP D 78 17.95 21.73 -0.15
N ASP D 79 18.12 20.88 -1.18
CA ASP D 79 18.95 19.66 -1.15
C ASP D 79 18.44 18.60 -0.18
N LEU D 80 19.36 17.80 0.36
CA LEU D 80 19.04 16.71 1.29
C LEU D 80 19.20 17.06 2.77
N SER D 91 7.38 12.33 6.40
CA SER D 91 7.54 11.90 7.81
C SER D 91 6.40 12.45 8.68
N ALA D 92 6.13 13.75 8.53
CA ALA D 92 5.18 14.45 9.38
C ALA D 92 4.45 15.55 8.62
N ILE D 93 3.26 15.91 9.07
CA ILE D 93 2.42 16.89 8.39
C ILE D 93 2.51 18.23 9.11
N VAL D 94 2.63 19.32 8.35
CA VAL D 94 2.84 20.64 8.96
C VAL D 94 2.03 21.73 8.26
N ARG D 95 1.38 22.60 9.04
CA ARG D 95 0.71 23.79 8.51
C ARG D 95 1.59 25.04 8.67
N VAL D 96 1.93 25.66 7.54
CA VAL D 96 2.91 26.74 7.55
C VAL D 96 2.30 28.07 7.12
N ARG D 97 2.85 29.18 7.62
CA ARG D 97 2.30 30.52 7.33
C ARG D 97 3.40 31.47 6.90
N SER D 98 3.28 32.03 5.69
CA SER D 98 4.22 33.05 5.18
C SER D 98 3.53 34.38 4.99
N SER D 99 3.95 35.38 5.76
CA SER D 99 3.46 36.75 5.60
C SER D 99 4.53 37.60 4.93
N HIS D 100 4.11 38.63 4.18
CA HIS D 100 5.04 39.55 3.50
C HIS D 100 4.72 41.05 3.68
N ILE D 101 5.12 41.61 4.81
CA ILE D 101 5.03 43.07 5.05
C ILE D 101 5.96 43.89 4.15
N TYR D 112 4.16 39.40 -7.27
CA TYR D 112 4.32 39.16 -5.84
C TYR D 112 4.18 37.67 -5.43
N THR D 113 4.73 36.78 -6.26
CA THR D 113 4.58 35.33 -6.13
C THR D 113 4.96 34.72 -4.76
N CYS D 114 4.18 33.72 -4.34
CA CYS D 114 4.50 32.85 -3.19
C CYS D 114 4.53 31.38 -3.62
N VAL D 115 5.61 30.70 -3.24
CA VAL D 115 5.90 29.34 -3.69
C VAL D 115 6.10 28.44 -2.49
N GLY D 116 5.47 27.27 -2.50
CA GLY D 116 5.71 26.22 -1.52
C GLY D 116 6.18 24.95 -2.17
N ARG D 117 7.18 24.32 -1.56
CA ARG D 117 7.74 23.09 -2.08
C ARG D 117 7.88 22.05 -0.97
N THR D 118 7.26 20.90 -1.15
CA THR D 118 7.52 19.75 -0.28
C THR D 118 7.90 18.55 -1.13
N GLY D 119 9.10 18.03 -0.90
CA GLY D 119 9.62 16.90 -1.69
C GLY D 119 9.39 17.14 -3.17
N SER D 120 8.67 16.23 -3.83
CA SER D 120 8.29 16.37 -5.24
C SER D 120 7.29 17.51 -5.55
N LYS D 121 6.41 17.81 -4.60
CA LYS D 121 5.29 18.76 -4.82
C LYS D 121 5.74 20.21 -5.14
N THR D 122 4.80 21.02 -5.64
CA THR D 122 4.96 22.47 -5.81
C THR D 122 3.63 23.19 -5.97
N ILE D 123 3.36 24.12 -5.06
CA ILE D 123 2.28 25.09 -5.24
C ILE D 123 2.82 26.31 -6.05
N TYR D 124 2.03 27.37 -6.19
CA TYR D 124 2.44 28.55 -6.97
C TYR D 124 1.41 29.63 -6.81
N ILE D 151 5.78 38.45 13.52
CA ILE D 151 6.14 37.20 12.89
C ILE D 151 5.82 37.29 11.39
N ILE D 152 6.83 37.13 10.55
CA ILE D 152 6.64 37.02 9.11
C ILE D 152 6.49 35.56 8.61
N TYR D 153 6.61 34.59 9.53
CA TYR D 153 6.68 33.14 9.20
C TYR D 153 6.57 32.27 10.46
N THR D 154 5.39 31.71 10.73
CA THR D 154 5.22 30.82 11.88
C THR D 154 4.52 29.52 11.51
N GLU D 155 4.54 28.55 12.42
CA GLU D 155 3.82 27.30 12.23
C GLU D 155 2.55 27.18 13.07
N LYS D 156 1.43 27.13 12.36
CA LYS D 156 0.11 26.95 12.97
C LYS D 156 -0.11 25.50 13.45
N THR D 157 0.24 24.51 12.62
CA THR D 157 0.05 23.10 13.00
C THR D 157 1.24 22.24 12.63
N HIS D 158 1.83 21.55 13.62
CA HIS D 158 2.93 20.62 13.38
C HIS D 158 2.67 19.24 13.99
N LEU D 159 2.46 18.26 13.11
CA LEU D 159 2.20 16.89 13.49
C LEU D 159 3.43 16.06 13.25
N ASP D 160 3.75 15.19 14.21
CA ASP D 160 4.88 14.27 14.06
C ASP D 160 4.85 13.13 15.06
N LEU D 161 5.96 12.43 15.21
CA LEU D 161 6.01 11.23 16.01
C LEU D 161 7.03 11.36 17.07
N MET D 162 6.70 10.77 18.20
CA MET D 162 7.57 10.74 19.36
C MET D 162 8.99 10.39 18.96
N GLY D 163 9.93 10.83 19.79
CA GLY D 163 11.35 10.62 19.53
C GLY D 163 11.84 11.50 18.40
N SER D 164 10.91 12.28 17.82
CA SER D 164 11.22 13.15 16.70
C SER D 164 11.58 14.51 17.24
N ASN D 165 12.77 15.02 16.87
CA ASN D 165 13.23 16.36 17.28
C ASN D 165 12.56 17.39 16.36
N ILE D 166 11.81 18.34 16.90
CA ILE D 166 11.04 19.25 16.04
C ILE D 166 11.52 20.68 16.21
N GLN D 167 11.41 21.51 15.18
CA GLN D 167 11.94 22.88 15.26
C GLN D 167 11.01 24.00 14.69
N LEU D 168 10.05 24.46 15.50
CA LEU D 168 9.03 25.45 15.04
C LEU D 168 9.66 26.83 14.86
N PRO D 169 9.16 27.66 13.92
CA PRO D 169 9.91 28.88 13.69
C PRO D 169 9.18 30.14 14.12
N CYS D 170 9.94 31.20 14.37
CA CYS D 170 9.34 32.52 14.52
C CYS D 170 10.02 33.45 13.53
N ARG D 171 9.35 34.55 13.19
CA ARG D 171 9.93 35.53 12.30
C ARG D 171 9.73 36.94 12.78
N VAL D 172 10.58 37.85 12.29
CA VAL D 172 10.50 39.25 12.68
C VAL D 172 10.54 40.21 11.49
N HIS D 173 10.23 41.47 11.80
CA HIS D 173 10.46 42.64 10.95
C HIS D 173 10.88 43.85 11.83
N ALA D 174 11.96 44.53 11.43
CA ALA D 174 12.47 45.75 12.09
C ALA D 174 12.80 45.70 13.59
N ARG D 175 12.21 46.65 14.34
CA ARG D 175 12.31 46.77 15.82
C ARG D 175 13.72 47.00 16.36
N LYS D 188 3.50 29.42 30.82
CA LYS D 188 4.84 29.11 31.34
C LYS D 188 6.00 29.62 30.43
N GLU D 189 7.25 29.26 30.79
CA GLU D 189 8.45 29.45 29.94
C GLU D 189 9.51 28.38 30.28
N ILE D 190 10.49 28.18 29.39
CA ILE D 190 11.52 27.14 29.57
C ILE D 190 12.92 27.71 29.43
N VAL D 191 13.92 26.97 29.94
CA VAL D 191 15.32 27.40 29.90
C VAL D 191 16.16 26.77 28.78
N GLN D 192 16.52 27.61 27.81
CA GLN D 192 17.39 27.24 26.67
C GLN D 192 18.75 26.69 27.13
N ARG D 195 16.20 19.62 26.17
CA ARG D 195 14.77 19.68 25.91
C ARG D 195 14.42 20.89 25.04
N HIS D 196 13.76 21.88 25.64
CA HIS D 196 13.48 23.14 24.98
C HIS D 196 14.79 23.88 24.65
N ARG D 197 14.69 24.85 23.73
CA ARG D 197 15.77 25.77 23.37
C ARG D 197 15.17 26.95 22.56
N VAL D 198 16.00 27.86 22.09
CA VAL D 198 15.66 28.84 21.07
C VAL D 198 17.00 29.18 20.46
N LEU D 199 17.04 29.59 19.19
CA LEU D 199 18.33 29.59 18.49
C LEU D 199 18.63 30.86 17.75
N ALA D 200 19.83 30.88 17.16
CA ALA D 200 20.30 31.91 16.25
C ALA D 200 19.20 32.61 15.45
N ASN D 201 18.35 31.83 14.78
CA ASN D 201 17.37 32.39 13.84
C ASN D 201 15.99 32.62 14.45
N GLY D 202 15.87 32.51 15.77
CA GLY D 202 14.60 32.75 16.46
C GLY D 202 13.66 31.57 16.47
N ASP D 203 14.09 30.45 15.90
CA ASP D 203 13.31 29.22 15.90
C ASP D 203 13.19 28.72 17.34
N LEU D 204 12.44 27.64 17.53
CA LEU D 204 11.92 27.27 18.86
C LEU D 204 12.06 25.76 19.19
N LEU D 205 13.21 25.18 18.84
CA LEU D 205 13.51 23.74 18.95
C LEU D 205 13.10 23.04 20.26
N ILE D 206 12.24 22.05 20.11
CA ILE D 206 11.87 21.17 21.22
C ILE D 206 12.30 19.75 20.81
N SER D 207 13.09 19.09 21.66
CA SER D 207 13.77 17.85 21.26
C SER D 207 13.14 16.54 21.75
N GLU D 208 13.35 15.47 20.98
CA GLU D 208 12.84 14.13 21.27
C GLU D 208 11.43 14.10 21.95
N ILE D 209 10.40 14.52 21.20
CA ILE D 209 9.03 14.74 21.74
C ILE D 209 8.36 13.54 22.38
N LYS D 210 7.53 13.81 23.38
CA LYS D 210 6.66 12.81 24.03
C LYS D 210 5.33 13.47 24.36
N TRP D 211 4.32 12.63 24.60
CA TRP D 211 2.95 13.08 24.82
C TRP D 211 2.85 14.34 25.67
N GLU D 212 3.42 14.23 26.87
CA GLU D 212 3.51 15.30 27.84
C GLU D 212 3.77 16.68 27.19
N ASP D 213 4.27 16.68 25.96
CA ASP D 213 4.64 17.93 25.29
C ASP D 213 3.55 18.59 24.46
N MET D 214 2.36 17.97 24.42
CA MET D 214 1.31 18.35 23.46
C MET D 214 0.63 19.69 23.71
N GLY D 215 -0.02 20.22 22.66
CA GLY D 215 -0.79 21.46 22.72
C GLY D 215 -0.09 22.66 22.13
N ASN D 216 -0.86 23.71 21.84
CA ASN D 216 -0.37 24.91 21.16
C ASN D 216 0.67 25.69 21.95
N TYR D 217 1.69 26.16 21.25
CA TYR D 217 2.58 27.21 21.76
C TYR D 217 2.85 28.22 20.65
N LYS D 218 2.63 29.51 20.93
CA LYS D 218 2.77 30.61 19.94
C LYS D 218 3.82 31.64 20.32
N CYS D 219 3.94 32.71 19.53
CA CYS D 219 4.98 33.71 19.74
N PHE D 233 1.69 25.15 17.34
CA PHE D 233 1.06 23.90 17.79
C PHE D 233 2.05 22.77 17.63
N VAL D 234 2.04 21.79 18.53
CA VAL D 234 2.84 20.59 18.35
C VAL D 234 2.07 19.39 18.84
N TYR D 235 1.74 18.48 17.94
CA TYR D 235 1.06 17.26 18.33
C TYR D 235 2.01 16.10 18.13
N PRO D 236 2.33 15.33 19.18
CA PRO D 236 3.20 14.20 18.93
C PRO D 236 2.43 12.87 18.72
N VAL D 237 2.34 12.41 17.48
CA VAL D 237 1.62 11.16 17.16
C VAL D 237 2.45 9.95 17.53
N LEU D 238 1.85 9.03 18.29
CA LEU D 238 2.46 7.75 18.65
C LEU D 238 2.93 7.05 17.38
N ASN D 239 3.95 6.19 17.51
CA ASN D 239 4.67 5.62 16.35
C ASN D 239 4.52 4.12 16.13
N GLU D 240 4.47 3.70 14.87
CA GLU D 240 4.37 2.28 14.49
C GLU D 240 3.22 1.54 15.17
N GLU D 241 3.56 0.51 15.95
CA GLU D 241 2.61 -0.17 16.84
C GLU D 241 2.84 0.22 18.31
N ASP D 242 1.84 0.91 18.89
CA ASP D 242 1.76 1.35 20.30
C ASP D 242 3.04 1.82 20.98
N GLY E 4 -15.73 9.82 18.16
CA GLY E 4 -15.22 11.18 18.49
C GLY E 4 -13.71 11.20 18.58
N VAL E 5 -13.08 11.99 17.74
CA VAL E 5 -11.62 12.05 17.66
C VAL E 5 -11.01 12.49 18.98
N VAL E 6 -11.61 13.53 19.56
CA VAL E 6 -11.07 14.18 20.72
C VAL E 6 -10.98 13.20 21.87
N ASP E 7 -12.08 12.47 22.09
CA ASP E 7 -12.14 11.52 23.18
C ASP E 7 -11.10 10.45 22.98
N SER E 8 -10.96 9.99 21.74
CA SER E 8 -10.06 8.90 21.41
C SER E 8 -8.60 9.37 21.44
N CYS E 9 -8.27 10.18 20.45
CA CYS E 9 -6.94 10.63 20.20
C CYS E 9 -6.32 11.48 21.29
N CYS E 10 -7.09 12.42 21.82
CA CYS E 10 -6.55 13.39 22.77
C CYS E 10 -6.06 12.75 24.04
N ARG E 11 -6.85 11.83 24.58
CA ARG E 11 -6.39 11.01 25.72
C ARG E 11 -5.28 10.07 25.19
N ASN E 12 -5.59 9.50 24.02
CA ASN E 12 -4.80 8.40 23.46
C ASN E 12 -3.46 8.76 22.85
N SER E 13 -3.26 10.01 22.43
CA SER E 13 -2.11 10.38 21.59
C SER E 13 -1.99 9.35 20.44
N CYS E 14 -3.09 9.19 19.73
CA CYS E 14 -3.28 8.15 18.76
C CYS E 14 -2.23 8.12 17.62
N SER E 15 -2.02 6.93 17.10
CA SER E 15 -1.15 6.69 15.98
C SER E 15 -1.74 7.29 14.71
N PHE E 16 -0.86 7.48 13.75
CA PHE E 16 -1.20 8.03 12.43
C PHE E 16 -2.29 7.22 11.77
N SER E 17 -2.23 5.90 11.94
CA SER E 17 -3.23 5.01 11.39
C SER E 17 -4.60 5.32 11.95
N THR E 18 -4.64 5.53 13.27
CA THR E 18 -5.88 5.79 13.98
C THR E 18 -6.53 7.09 13.50
N LEU E 19 -5.69 8.08 13.26
CA LEU E 19 -6.12 9.38 12.77
C LEU E 19 -6.81 9.27 11.42
N ARG E 20 -6.25 8.46 10.53
CA ARG E 20 -6.78 8.24 9.21
C ARG E 20 -8.23 7.72 9.28
N ALA E 21 -8.52 6.87 10.26
CA ALA E 21 -9.78 6.18 10.33
C ALA E 21 -10.93 7.13 10.46
N TYR E 22 -10.72 8.38 10.83
CA TYR E 22 -11.81 9.31 11.01
C TYR E 22 -12.06 10.08 9.74
N CYS E 23 -11.17 9.92 8.77
CA CYS E 23 -11.38 10.53 7.45
C CYS E 23 -12.60 9.91 6.77
N ASP E 24 -12.94 10.40 5.58
CA ASP E 24 -14.18 9.97 4.93
C ASP E 24 -14.00 8.85 3.92
N ALA F 5 -7.38 20.64 24.40
CA ALA F 5 -7.83 20.60 22.99
C ALA F 5 -6.64 20.85 22.05
N CYS F 6 -6.27 19.87 21.22
CA CYS F 6 -7.15 19.08 20.30
C CYS F 6 -8.28 19.89 19.73
N GLY F 7 -9.51 19.41 19.93
CA GLY F 7 -10.70 20.10 19.51
C GLY F 7 -10.62 20.63 18.11
N PRO F 8 -10.75 21.97 17.93
CA PRO F 8 -10.82 22.58 16.63
C PRO F 8 -9.58 22.44 15.78
N ALA F 9 -8.42 22.45 16.44
CA ALA F 9 -7.12 22.36 15.74
C ALA F 9 -7.06 21.07 14.94
N LEU F 10 -7.39 19.97 15.58
CA LEU F 10 -7.32 18.67 14.91
C LEU F 10 -8.36 18.57 13.81
N MET F 11 -9.58 18.95 14.12
CA MET F 11 -10.69 18.90 13.17
C MET F 11 -10.37 19.77 11.96
N ASP F 12 -9.78 20.94 12.21
CA ASP F 12 -9.28 21.79 11.15
C ASP F 12 -8.20 21.05 10.39
N MET F 13 -7.32 20.34 11.12
CA MET F 13 -6.24 19.65 10.49
C MET F 13 -6.75 18.52 9.60
N LEU F 14 -7.72 17.77 10.12
CA LEU F 14 -8.24 16.60 9.42
C LEU F 14 -8.91 17.02 8.11
N ARG F 15 -9.67 18.12 8.15
CA ARG F 15 -10.43 18.60 7.01
C ARG F 15 -9.51 18.83 5.82
N VAL F 16 -8.38 19.50 6.07
CA VAL F 16 -7.34 19.68 5.07
C VAL F 16 -6.65 18.36 4.73
N ALA F 17 -6.37 17.54 5.75
CA ALA F 17 -5.62 16.31 5.56
C ALA F 17 -6.34 15.20 4.77
N CYS F 18 -7.61 14.97 5.09
CA CYS F 18 -8.35 13.81 4.60
C CYS F 18 -8.77 14.03 3.17
N PRO F 19 -8.45 13.10 2.26
CA PRO F 19 -8.76 13.28 0.86
C PRO F 19 -10.22 13.63 0.61
N ASN F 20 -11.12 12.92 1.27
CA ASN F 20 -12.50 13.42 1.48
C ASN F 20 -12.41 14.07 2.85
N GLY F 21 -13.19 15.13 3.07
CA GLY F 21 -13.12 15.92 4.30
C GLY F 21 -13.52 15.12 5.50
N PHE F 22 -12.89 15.41 6.65
CA PHE F 22 -13.39 14.95 7.94
C PHE F 22 -14.82 15.45 8.10
N ASN F 23 -15.61 14.75 8.91
CA ASN F 23 -16.95 15.20 9.32
C ASN F 23 -17.50 14.48 10.54
N VAL G 5 20.71 4.42 -15.81
CA VAL G 5 19.31 3.95 -15.58
C VAL G 5 19.22 2.45 -15.50
N VAL G 6 18.87 1.82 -16.62
CA VAL G 6 18.96 0.41 -16.78
C VAL G 6 20.40 -0.05 -16.53
N ASP G 7 21.34 0.65 -17.15
CA ASP G 7 22.75 0.36 -16.94
C ASP G 7 23.11 0.57 -15.49
N SER G 8 22.60 1.67 -14.92
CA SER G 8 22.86 2.01 -13.53
C SER G 8 22.32 1.01 -12.50
N CYS G 9 21.13 0.51 -12.80
CA CYS G 9 20.36 -0.34 -11.90
C CYS G 9 20.50 -1.82 -12.27
N CYS G 10 20.35 -2.13 -13.54
CA CYS G 10 20.27 -3.52 -13.97
C CYS G 10 21.55 -4.27 -13.74
N ARG G 11 22.70 -3.63 -13.99
CA ARG G 11 24.00 -4.21 -13.76
C ARG G 11 24.21 -4.56 -12.29
N ASN G 12 23.73 -3.67 -11.42
CA ASN G 12 23.69 -3.94 -9.97
C ASN G 12 22.33 -3.59 -9.39
N SER G 13 22.05 -3.99 -8.15
CA SER G 13 20.82 -3.61 -7.45
C SER G 13 20.68 -2.11 -7.32
N CYS G 14 19.44 -1.64 -7.30
CA CYS G 14 19.19 -0.20 -7.07
C CYS G 14 18.34 0.06 -5.85
N SER G 15 18.67 1.12 -5.12
CA SER G 15 17.89 1.53 -3.94
C SER G 15 16.58 2.11 -4.41
N PHE G 16 15.53 2.02 -3.60
CA PHE G 16 14.25 2.71 -3.87
C PHE G 16 14.49 4.19 -4.04
N SER G 17 15.39 4.74 -3.23
CA SER G 17 15.75 6.14 -3.29
C SER G 17 16.32 6.47 -4.68
N THR G 18 17.23 5.60 -5.09
CA THR G 18 18.04 5.80 -6.29
C THR G 18 17.15 5.85 -7.53
N LEU G 19 16.14 4.98 -7.54
CA LEU G 19 15.24 4.90 -8.68
C LEU G 19 14.46 6.19 -8.86
N ARG G 20 14.02 6.77 -7.75
CA ARG G 20 13.26 8.00 -7.78
C ARG G 20 14.03 9.13 -8.43
N ALA G 21 15.35 9.17 -8.20
CA ALA G 21 16.19 10.20 -8.78
C ALA G 21 16.04 10.25 -10.31
N TYR G 22 15.86 9.09 -10.89
CA TYR G 22 15.69 8.97 -12.33
C TYR G 22 14.42 9.63 -12.85
N CYS G 23 13.35 9.66 -12.06
CA CYS G 23 12.10 10.26 -12.50
C CYS G 23 12.33 11.71 -12.89
N ASP G 24 11.75 12.09 -14.03
CA ASP G 24 11.86 13.45 -14.59
C ASP G 24 11.09 14.47 -13.75
N ARG H 4 20.69 -6.21 -18.20
CA ARG H 4 20.15 -7.58 -18.06
C ARG H 4 18.67 -7.61 -18.43
N ALA H 5 17.92 -8.46 -17.73
CA ALA H 5 16.50 -8.63 -17.99
C ALA H 5 15.60 -7.45 -17.72
N CYS H 6 15.87 -6.61 -16.72
CA CYS H 6 14.95 -5.54 -16.38
C CYS H 6 14.67 -4.66 -17.53
N GLY H 7 15.75 -4.33 -18.23
CA GLY H 7 15.72 -3.56 -19.47
C GLY H 7 14.70 -2.43 -19.42
N PRO H 8 13.74 -2.44 -20.38
CA PRO H 8 12.73 -1.38 -20.34
C PRO H 8 11.63 -1.69 -19.39
N ALA H 9 11.61 -2.84 -18.70
CA ALA H 9 10.69 -3.13 -17.60
C ALA H 9 10.69 -1.96 -16.61
N LEU H 10 11.89 -1.55 -16.23
CA LEU H 10 12.07 -0.37 -15.43
C LEU H 10 11.55 0.90 -16.05
N MET H 11 11.89 1.09 -17.31
CA MET H 11 11.42 2.27 -18.05
C MET H 11 9.89 2.30 -18.08
N ASP H 12 9.31 1.14 -18.36
CA ASP H 12 7.88 0.98 -18.44
C ASP H 12 7.28 1.28 -17.08
N MET H 13 7.90 0.75 -16.03
CA MET H 13 7.39 0.93 -14.69
C MET H 13 7.46 2.40 -14.28
N LEU H 14 8.59 3.02 -14.58
CA LEU H 14 8.82 4.41 -14.18
C LEU H 14 7.79 5.35 -14.76
N ARG H 15 7.46 5.15 -16.06
CA ARG H 15 6.56 6.07 -16.73
C ARG H 15 5.21 6.13 -16.04
N VAL H 16 4.67 4.99 -15.61
CA VAL H 16 3.53 4.98 -14.69
C VAL H 16 3.90 5.51 -13.30
N ALA H 17 5.06 5.14 -12.80
CA ALA H 17 5.44 5.35 -11.41
C ALA H 17 5.61 6.81 -10.97
N CYS H 18 6.27 7.64 -11.78
CA CYS H 18 6.52 9.02 -11.38
C CYS H 18 5.31 9.92 -11.65
N PRO H 19 5.38 11.14 -11.10
CA PRO H 19 4.51 12.21 -11.59
C PRO H 19 4.75 12.51 -13.05
N ASN H 20 6.02 12.63 -13.46
CA ASN H 20 6.32 12.96 -14.85
C ASN H 20 7.26 11.96 -15.49
N GLY H 21 6.92 11.56 -16.72
CA GLY H 21 7.57 10.44 -17.37
C GLY H 21 8.33 10.69 -18.66
N PHE H 22 9.59 11.11 -18.52
CA PHE H 22 10.63 10.99 -19.57
C PHE H 22 10.37 11.77 -20.84
N GLY I 4 -18.83 -43.33 20.95
CA GLY I 4 -17.43 -43.40 21.45
C GLY I 4 -16.41 -43.30 20.35
N VAL I 5 -16.77 -42.58 19.30
CA VAL I 5 -15.90 -42.36 18.14
C VAL I 5 -14.59 -41.69 18.53
N VAL I 6 -14.73 -40.66 19.37
CA VAL I 6 -13.64 -39.87 19.81
C VAL I 6 -12.59 -40.70 20.50
N ASP I 7 -13.03 -41.62 21.36
CA ASP I 7 -12.13 -42.38 22.17
C ASP I 7 -11.20 -43.19 21.30
N SER I 8 -11.76 -43.83 20.28
CA SER I 8 -10.98 -44.71 19.44
C SER I 8 -10.37 -43.96 18.26
N CYS I 9 -11.26 -43.39 17.44
CA CYS I 9 -10.84 -42.81 16.17
C CYS I 9 -9.92 -41.60 16.33
N CYS I 10 -10.31 -40.70 17.25
CA CYS I 10 -9.51 -39.52 17.52
C CYS I 10 -8.14 -39.89 18.12
N ARG I 11 -8.13 -40.86 19.03
CA ARG I 11 -6.97 -41.15 19.82
C ARG I 11 -5.84 -41.70 18.98
N ASN I 12 -6.18 -42.49 17.97
CA ASN I 12 -5.17 -43.25 17.20
C ASN I 12 -4.09 -42.37 16.54
N SER I 13 -4.51 -41.35 15.82
CA SER I 13 -5.88 -41.17 15.34
C SER I 13 -6.14 -41.94 14.08
N CYS I 14 -7.41 -42.32 13.87
CA CYS I 14 -7.87 -42.99 12.68
C CYS I 14 -7.61 -42.23 11.38
N SER I 15 -7.81 -42.90 10.26
CA SER I 15 -7.84 -42.22 8.95
C SER I 15 -9.06 -42.49 8.05
N PHE I 16 -9.77 -41.43 7.69
CA PHE I 16 -10.88 -41.46 6.75
C PHE I 16 -11.90 -42.55 6.79
N SER I 17 -11.89 -43.42 5.77
CA SER I 17 -12.77 -44.57 5.64
C SER I 17 -13.17 -45.20 6.96
N THR I 18 -12.20 -45.19 7.89
CA THR I 18 -12.47 -45.57 9.28
C THR I 18 -13.43 -44.59 9.91
N LEU I 19 -13.24 -43.30 9.61
CA LEU I 19 -14.11 -42.27 10.18
C LEU I 19 -15.50 -42.39 9.60
N ARG I 20 -15.56 -42.59 8.28
CA ARG I 20 -16.86 -42.69 7.60
C ARG I 20 -17.61 -43.90 8.08
N ALA I 21 -16.86 -44.98 8.33
CA ALA I 21 -17.44 -46.24 8.83
C ALA I 21 -18.22 -45.97 10.12
N TYR I 22 -17.71 -45.05 10.91
CA TYR I 22 -18.35 -44.71 12.17
C TYR I 22 -19.70 -44.05 12.00
N CYS I 23 -19.83 -43.31 10.91
CA CYS I 23 -21.08 -42.64 10.60
N ALA J 5 -10.27 -32.41 24.38
CA ALA J 5 -9.61 -31.91 23.14
C ALA J 5 -10.50 -32.12 21.89
N CYS J 6 -10.17 -33.10 21.07
CA CYS J 6 -10.77 -33.25 19.75
C CYS J 6 -12.16 -33.82 19.78
N GLY J 7 -12.62 -34.23 20.95
CA GLY J 7 -13.84 -34.98 21.11
C GLY J 7 -15.00 -34.51 20.25
N PRO J 8 -15.39 -33.23 20.41
CA PRO J 8 -16.59 -32.71 19.81
C PRO J 8 -16.56 -32.65 18.28
N ALA J 9 -15.37 -32.40 17.73
CA ALA J 9 -15.18 -32.10 16.33
C ALA J 9 -15.77 -33.16 15.43
N LEU J 10 -15.42 -34.39 15.68
CA LEU J 10 -15.87 -35.51 14.86
C LEU J 10 -17.37 -35.69 14.92
N MET J 11 -17.96 -35.57 16.10
CA MET J 11 -19.39 -35.59 16.24
C MET J 11 -19.98 -34.42 15.52
N ASP J 12 -19.40 -33.24 15.72
CA ASP J 12 -19.84 -32.04 15.02
C ASP J 12 -19.63 -32.23 13.52
N MET J 13 -18.50 -32.81 13.18
CA MET J 13 -18.23 -33.32 11.84
C MET J 13 -19.22 -34.42 11.49
N LEU J 14 -19.50 -35.31 12.46
CA LEU J 14 -20.21 -36.52 12.15
C LEU J 14 -21.59 -36.30 11.56
N ARG J 15 -22.33 -35.37 12.15
CA ARG J 15 -23.72 -35.11 11.73
C ARG J 15 -23.75 -34.75 10.22
N VAL J 16 -22.89 -33.81 9.87
CA VAL J 16 -22.81 -33.22 8.57
C VAL J 16 -22.33 -34.19 7.50
N ALA J 17 -21.31 -34.96 7.81
CA ALA J 17 -20.60 -35.79 6.82
C ALA J 17 -21.41 -36.94 6.21
N CYS J 18 -22.21 -37.60 7.04
CA CYS J 18 -22.96 -38.76 6.62
C CYS J 18 -24.40 -38.40 6.28
N ASP K 1 -17.11 -16.47 -29.08
CA ASP K 1 -15.95 -17.39 -29.15
C ASP K 1 -16.26 -18.75 -28.52
N PHE K 2 -17.51 -19.20 -28.68
CA PHE K 2 -17.87 -20.62 -28.53
C PHE K 2 -19.27 -20.95 -29.09
N ARG K 3 -19.56 -22.16 -29.57
CA ARG K 3 -18.71 -23.17 -30.20
C ARG K 3 -19.72 -24.20 -30.70
N GLY K 4 -19.64 -24.56 -31.98
CA GLY K 4 -20.58 -25.49 -32.63
C GLY K 4 -20.84 -26.79 -31.90
N VAL K 5 -22.07 -27.30 -32.06
CA VAL K 5 -22.48 -28.57 -31.46
C VAL K 5 -21.57 -29.71 -31.87
N VAL K 6 -21.33 -29.77 -33.18
CA VAL K 6 -20.32 -30.66 -33.70
C VAL K 6 -19.03 -30.13 -33.12
N ASP K 7 -18.72 -28.89 -33.47
CA ASP K 7 -17.39 -28.33 -33.25
C ASP K 7 -16.90 -28.60 -31.82
N SER K 8 -17.86 -28.56 -30.89
CA SER K 8 -17.58 -28.84 -29.52
C SER K 8 -17.35 -30.26 -29.14
N CYS K 9 -17.62 -31.24 -30.00
CA CYS K 9 -17.62 -32.63 -29.58
C CYS K 9 -16.90 -33.54 -30.54
N CYS K 10 -17.17 -33.38 -31.83
CA CYS K 10 -16.53 -34.18 -32.87
C CYS K 10 -15.00 -33.98 -32.87
N ARG K 11 -14.54 -32.74 -32.71
CA ARG K 11 -13.20 -32.55 -32.22
C ARG K 11 -13.13 -32.66 -30.71
N ASN K 12 -14.26 -32.63 -30.02
CA ASN K 12 -14.33 -32.37 -28.58
C ASN K 12 -14.23 -33.65 -27.75
N SER K 13 -14.28 -33.47 -26.42
CA SER K 13 -14.03 -34.54 -25.45
C SER K 13 -14.83 -35.76 -25.85
N CYS K 14 -16.13 -35.59 -26.04
CA CYS K 14 -16.88 -34.61 -25.28
C CYS K 14 -17.20 -35.23 -23.90
N SER K 15 -17.41 -34.39 -22.89
CA SER K 15 -17.83 -34.85 -21.58
C SER K 15 -19.27 -35.33 -21.66
N PHE K 16 -19.66 -36.28 -20.82
CA PHE K 16 -21.07 -36.70 -20.72
C PHE K 16 -21.94 -35.48 -20.35
N SER K 17 -21.41 -34.76 -19.39
CA SER K 17 -22.08 -33.56 -18.85
C SER K 17 -22.17 -32.51 -19.94
N THR K 18 -21.10 -32.37 -20.71
CA THR K 18 -21.00 -31.39 -21.78
C THR K 18 -22.08 -31.59 -22.82
N LEU K 19 -22.35 -32.85 -23.14
CA LEU K 19 -23.36 -33.19 -24.12
C LEU K 19 -24.73 -32.76 -23.69
N ARG K 20 -25.05 -32.99 -22.40
CA ARG K 20 -26.36 -32.63 -21.87
C ARG K 20 -26.55 -31.12 -21.95
N ALA K 21 -25.47 -30.40 -21.67
CA ALA K 21 -25.49 -28.94 -21.61
C ALA K 21 -26.01 -28.36 -22.91
N TYR K 22 -25.72 -29.02 -24.02
CA TYR K 22 -26.25 -28.58 -25.31
C TYR K 22 -27.78 -28.65 -25.42
N CYS K 23 -28.40 -29.65 -24.77
CA CYS K 23 -29.85 -29.81 -24.71
C CYS K 23 -30.58 -28.54 -24.31
N ARG L 4 -15.12 -39.86 -37.66
CA ARG L 4 -14.66 -38.84 -38.64
C ARG L 4 -15.70 -37.73 -38.67
N ALA L 5 -16.81 -37.97 -39.37
CA ALA L 5 -17.96 -37.06 -39.30
C ALA L 5 -19.08 -37.66 -38.43
N CYS L 6 -19.13 -37.22 -37.19
CA CYS L 6 -20.23 -37.51 -36.29
C CYS L 6 -21.32 -36.50 -36.37
N GLY L 7 -21.23 -35.61 -37.36
CA GLY L 7 -22.20 -34.55 -37.58
C GLY L 7 -23.63 -34.96 -37.31
N PRO L 8 -24.12 -35.95 -38.07
CA PRO L 8 -25.50 -36.41 -37.91
C PRO L 8 -25.73 -37.15 -36.58
N ALA L 9 -24.71 -37.87 -36.12
CA ALA L 9 -24.86 -38.83 -35.03
C ALA L 9 -25.37 -38.13 -33.78
N LEU L 10 -24.68 -37.04 -33.43
CA LEU L 10 -25.01 -36.30 -32.25
C LEU L 10 -26.40 -35.74 -32.25
N MET L 11 -26.81 -35.14 -33.35
CA MET L 11 -28.12 -34.50 -33.42
C MET L 11 -29.21 -35.51 -33.21
N ASP L 12 -29.06 -36.69 -33.81
CA ASP L 12 -30.05 -37.73 -33.72
C ASP L 12 -30.19 -38.17 -32.29
N MET L 13 -29.05 -38.32 -31.59
CA MET L 13 -29.07 -38.71 -30.20
C MET L 13 -29.74 -37.63 -29.34
N LEU L 14 -29.41 -36.40 -29.61
CA LEU L 14 -29.96 -35.29 -28.83
C LEU L 14 -31.47 -35.19 -28.94
N ARG L 15 -31.99 -35.36 -30.14
CA ARG L 15 -33.44 -35.27 -30.38
C ARG L 15 -34.19 -36.25 -29.50
N VAL L 16 -33.73 -37.48 -29.48
CA VAL L 16 -34.26 -38.51 -28.57
C VAL L 16 -33.86 -38.20 -27.11
N ALA L 17 -32.61 -37.80 -26.92
CA ALA L 17 -32.04 -37.75 -25.56
C ALA L 17 -32.59 -36.62 -24.68
N CYS L 18 -32.64 -35.42 -25.23
CA CYS L 18 -33.15 -34.23 -24.52
C CYS L 18 -34.64 -34.34 -24.32
N PRO L 19 -35.16 -33.95 -23.14
CA PRO L 19 -36.62 -33.90 -22.97
C PRO L 19 -37.30 -33.08 -24.08
N ASN L 20 -36.74 -31.93 -24.40
CA ASN L 20 -37.11 -31.19 -25.58
C ASN L 20 -35.85 -30.65 -26.25
N GLY L 21 -35.77 -30.75 -27.57
CA GLY L 21 -34.61 -30.20 -28.30
C GLY L 21 -34.52 -30.60 -29.76
#